data_4XEW
#
_entry.id   4XEW
#
_cell.length_a   62.755
_cell.length_b   66.153
_cell.length_c   203.261
_cell.angle_alpha   90.000
_cell.angle_beta   90.000
_cell.angle_gamma   90.000
#
_symmetry.space_group_name_H-M   'P 21 21 21'
#
loop_
_entity.id
_entity.type
_entity.pdbx_description
1 polymer 'Adenosylmethionine-8-amino-7-oxononanoate aminotransferase'
2 non-polymer "PYRIDOXAL-5'-PHOSPHATE"
3 non-polymer 6-(2-fluorophenyl)[1,3]dioxolo[4,5-g]quinolin-8(5H)-one
4 water water
#
_entity_poly.entity_id   1
_entity_poly.type   'polypeptide(L)'
_entity_poly.pdbx_seq_one_letter_code
;MGSSHHHHHHSSGLVPRGSHMAAATGGLTPEQIIAVDGAHLWHPYSSIGREAVSPVVAVAAHGAWLTLIRDGQPIEVLDA
MSSWWTAIHGHGHPALDQALTTQLRVMNHVMFGGLTHEPAARLAKLLVDITPAGLDTVFFSDSGSVSVEVAAKMALQYWR
GRGLPGKRRLMTWRGGYHGDTFLAMSICDPHGGMHSLWTDVLAAQVFAPQVPRDYDPAYSAAFEAQLAQHAGELAAVVVE
PVVQGAGGMRFHDPRYLHDLRDICRRYEVLLIFDEIATGFGRTGALFAADHAGVSPDIMCVGKALTGGYLSLAATLCTAD
VAHTISAGAAGALMHGPTFMANPLACAVSVASVELLLGQDWRTRITELAAGLTAGLDTARALPAVTDVRVCGAIGVIECD
RPVDLAVATPAALDRGVWLRPFRNLVYAMPPYICTPAEITQITSAMVEVARLVGSLP
;
_entity_poly.pdbx_strand_id   A,B
#
# COMPACT_ATOMS: atom_id res chain seq x y z
N LEU A 28 16.05 20.93 9.65
CA LEU A 28 17.27 20.07 9.71
C LEU A 28 18.27 20.40 8.60
N THR A 29 19.56 20.27 8.91
CA THR A 29 20.58 20.45 7.87
C THR A 29 20.89 19.12 7.18
N PRO A 30 21.52 19.18 5.99
CA PRO A 30 21.99 17.96 5.34
C PRO A 30 22.66 16.98 6.31
N GLU A 31 23.57 17.50 7.15
CA GLU A 31 24.38 16.69 8.04
C GLU A 31 23.48 16.07 9.11
N GLN A 32 22.56 16.88 9.61
CA GLN A 32 21.58 16.44 10.61
C GLN A 32 20.69 15.30 10.05
N ILE A 33 20.38 15.39 8.76
CA ILE A 33 19.52 14.43 8.08
C ILE A 33 20.18 13.06 8.01
N ILE A 34 21.43 13.05 7.55
CA ILE A 34 22.30 11.89 7.55
C ILE A 34 22.37 11.25 8.96
N ALA A 35 22.55 12.09 9.97
CA ALA A 35 22.75 11.60 11.33
C ALA A 35 21.47 10.90 11.80
N VAL A 36 20.33 11.54 11.52
CA VAL A 36 19.01 10.99 11.86
C VAL A 36 18.72 9.75 11.04
N ASP A 37 18.99 9.84 9.74
CA ASP A 37 18.76 8.77 8.81
C ASP A 37 19.56 7.51 9.15
N GLY A 38 20.85 7.67 9.41
CA GLY A 38 21.73 6.54 9.76
C GLY A 38 21.30 5.85 11.05
N ALA A 39 20.69 6.59 11.96
CA ALA A 39 20.24 6.01 13.21
C ALA A 39 18.81 5.44 13.11
N HIS A 40 17.93 6.06 12.35
CA HIS A 40 16.50 5.74 12.47
C HIS A 40 15.74 5.30 11.26
N LEU A 41 16.34 5.37 10.08
CA LEU A 41 15.57 5.12 8.86
C LEU A 41 15.98 3.87 8.10
N TRP A 42 15.04 2.95 7.87
CA TRP A 42 15.28 1.85 6.98
CA TRP A 42 15.25 1.83 6.97
C TRP A 42 15.14 2.31 5.55
N HIS A 43 15.96 1.78 4.66
CA HIS A 43 15.83 2.04 3.22
C HIS A 43 15.44 0.74 2.49
N PRO A 44 15.08 0.80 1.18
CA PRO A 44 14.69 -0.43 0.49
C PRO A 44 15.83 -1.47 0.51
N TYR A 45 15.52 -2.67 0.99
CA TYR A 45 16.50 -3.76 0.98
C TYR A 45 17.83 -3.38 1.65
N SER A 46 17.72 -2.59 2.70
CA SER A 46 18.90 -2.08 3.38
C SER A 46 19.03 -2.70 4.76
N SER A 47 20.15 -2.39 5.40
CA SER A 47 20.37 -2.75 6.79
C SER A 47 20.18 -1.49 7.63
N ILE A 48 20.34 -1.61 8.94
CA ILE A 48 20.54 -0.48 9.85
C ILE A 48 21.96 -0.64 10.40
N GLY A 49 22.79 0.39 10.26
CA GLY A 49 24.15 0.39 10.81
C GLY A 49 25.24 -0.28 9.99
N ARG A 50 24.86 -1.03 8.96
CA ARG A 50 25.81 -1.77 8.13
C ARG A 50 25.71 -1.34 6.67
N GLU A 51 25.47 -0.04 6.47
CA GLU A 51 25.32 0.50 5.13
C GLU A 51 26.67 0.91 4.55
N ALA A 52 27.10 0.21 3.49
CA ALA A 52 28.45 0.40 2.91
C ALA A 52 28.64 1.79 2.29
N VAL A 53 27.62 2.27 1.58
CA VAL A 53 27.72 3.51 0.79
C VAL A 53 27.23 4.79 1.51
N SER A 54 26.09 4.71 2.21
CA SER A 54 25.45 5.91 2.82
C SER A 54 24.60 6.73 1.82
N PRO A 55 23.35 7.06 2.19
CA PRO A 55 22.53 7.72 1.17
C PRO A 55 22.89 9.19 0.97
N VAL A 56 22.67 9.68 -0.24
CA VAL A 56 22.87 11.09 -0.58
C VAL A 56 21.60 11.86 -0.18
N VAL A 57 21.74 13.07 0.38
CA VAL A 57 20.58 13.92 0.71
C VAL A 57 20.01 14.63 -0.53
N ALA A 58 18.70 14.43 -0.80
CA ALA A 58 18.01 15.16 -1.87
C ALA A 58 17.23 16.35 -1.30
N VAL A 59 17.43 17.54 -1.86
CA VAL A 59 16.79 18.75 -1.31
C VAL A 59 15.78 19.41 -2.24
N ALA A 60 15.75 18.98 -3.50
CA ALA A 60 14.84 19.56 -4.50
C ALA A 60 14.70 18.65 -5.70
N ALA A 61 13.58 18.78 -6.41
CA ALA A 61 13.43 18.08 -7.69
C ALA A 61 12.58 18.89 -8.67
N HIS A 62 13.10 19.14 -9.85
CA HIS A 62 12.40 19.94 -10.87
C HIS A 62 12.61 19.42 -12.24
N GLY A 63 11.51 19.17 -12.94
CA GLY A 63 11.56 18.55 -14.27
C GLY A 63 12.36 17.27 -14.17
N ALA A 64 13.39 17.15 -14.99
CA ALA A 64 14.19 15.92 -15.06
C ALA A 64 15.38 15.92 -14.09
N TRP A 65 15.47 16.95 -13.24
CA TRP A 65 16.65 17.20 -12.40
C TRP A 65 16.38 17.07 -10.92
N LEU A 66 17.32 16.46 -10.21
CA LEU A 66 17.35 16.45 -8.74
C LEU A 66 18.41 17.41 -8.24
N THR A 67 18.12 18.07 -7.12
CA THR A 67 19.16 18.81 -6.43
C THR A 67 19.63 17.92 -5.29
N LEU A 68 20.87 17.45 -5.37
CA LEU A 68 21.44 16.59 -4.33
C LEU A 68 22.58 17.32 -3.62
N ILE A 69 22.82 16.97 -2.36
CA ILE A 69 23.92 17.51 -1.56
C ILE A 69 25.15 16.59 -1.63
N ARG A 70 26.16 17.06 -2.33
CA ARG A 70 27.41 16.35 -2.45
C ARG A 70 28.51 17.14 -1.74
N ASP A 71 29.14 16.50 -0.75
CA ASP A 71 30.24 17.12 0.04
C ASP A 71 29.93 18.56 0.48
N GLY A 72 28.74 18.76 1.04
CA GLY A 72 28.30 20.06 1.53
C GLY A 72 27.66 20.98 0.51
N GLN A 73 27.87 20.69 -0.78
CA GLN A 73 27.39 21.56 -1.86
C GLN A 73 26.26 20.93 -2.67
N PRO A 74 25.30 21.76 -3.09
CA PRO A 74 24.15 21.34 -3.91
C PRO A 74 24.46 21.21 -5.40
N ILE A 75 24.10 20.08 -6.00
CA ILE A 75 24.30 19.88 -7.43
C ILE A 75 23.05 19.43 -8.15
N GLU A 76 22.96 19.81 -9.41
CA GLU A 76 21.89 19.43 -10.31
C GLU A 76 22.30 18.16 -11.03
N VAL A 77 21.48 17.10 -10.91
CA VAL A 77 21.73 15.85 -11.63
C VAL A 77 20.48 15.30 -12.34
N LEU A 78 20.66 14.75 -13.53
CA LEU A 78 19.55 14.13 -14.22
C LEU A 78 19.03 12.88 -13.47
N ASP A 79 17.72 12.84 -13.26
CA ASP A 79 17.08 11.68 -12.68
C ASP A 79 16.93 10.56 -13.74
N ALA A 80 18.04 9.92 -14.08
CA ALA A 80 18.04 8.83 -15.06
C ALA A 80 17.11 7.63 -14.72
N MET A 81 16.85 7.42 -13.44
CA MET A 81 16.02 6.30 -13.01
C MET A 81 14.54 6.65 -12.96
N SER A 82 14.21 7.93 -13.17
CA SER A 82 12.84 8.42 -12.97
C SER A 82 12.30 8.10 -11.57
N SER A 83 13.18 8.13 -10.57
CA SER A 83 12.74 7.85 -9.19
C SER A 83 12.05 6.49 -9.09
N TRP A 84 12.78 5.46 -9.53
CA TRP A 84 12.31 4.08 -9.57
C TRP A 84 11.09 3.99 -10.47
N TRP A 85 11.24 4.54 -11.68
CA TRP A 85 10.33 4.31 -12.82
C TRP A 85 8.99 4.99 -12.69
N THR A 86 8.96 6.08 -11.92
CA THR A 86 7.72 6.80 -11.60
C THR A 86 7.59 8.14 -12.31
N ALA A 87 8.65 8.94 -12.34
CA ALA A 87 8.52 10.31 -12.82
C ALA A 87 8.47 10.44 -14.36
N ILE A 88 7.49 9.80 -15.00
CA ILE A 88 7.37 9.86 -16.47
C ILE A 88 7.34 11.29 -17.04
N HIS A 89 6.70 12.23 -16.34
CA HIS A 89 6.64 13.63 -16.79
C HIS A 89 7.63 14.56 -16.11
N GLY A 90 8.61 14.00 -15.41
CA GLY A 90 9.50 14.82 -14.60
C GLY A 90 8.82 15.24 -13.29
N HIS A 91 9.57 15.93 -12.46
CA HIS A 91 9.05 16.31 -11.14
C HIS A 91 8.47 17.69 -11.30
N GLY A 92 7.51 18.03 -10.44
CA GLY A 92 7.02 19.40 -10.40
C GLY A 92 6.48 19.92 -11.72
N HIS A 93 5.88 19.03 -12.51
CA HIS A 93 5.16 19.42 -13.73
C HIS A 93 3.99 20.30 -13.39
N PRO A 94 3.86 21.44 -14.10
CA PRO A 94 2.83 22.41 -13.66
C PRO A 94 1.41 21.89 -13.73
N ALA A 95 1.10 21.02 -14.69
CA ALA A 95 -0.25 20.44 -14.79
C ALA A 95 -0.54 19.45 -13.65
N LEU A 96 0.48 18.73 -13.21
CA LEU A 96 0.22 17.75 -12.16
C LEU A 96 0.19 18.44 -10.79
N ASP A 97 1.06 19.43 -10.60
CA ASP A 97 1.05 20.32 -9.43
C ASP A 97 -0.33 20.94 -9.23
N GLN A 98 -0.88 21.49 -10.31
CA GLN A 98 -2.16 22.20 -10.28
C GLN A 98 -3.29 21.24 -9.90
N ALA A 99 -3.35 20.11 -10.61
CA ALA A 99 -4.37 19.12 -10.41
C ALA A 99 -4.44 18.73 -8.93
N LEU A 100 -3.27 18.59 -8.31
CA LEU A 100 -3.16 18.31 -6.89
C LEU A 100 -3.64 19.45 -5.98
N THR A 101 -3.25 20.69 -6.29
CA THR A 101 -3.69 21.81 -5.43
C THR A 101 -5.18 22.13 -5.65
N THR A 102 -5.65 21.97 -6.88
CA THR A 102 -7.07 22.12 -7.19
C THR A 102 -7.91 21.14 -6.36
N GLN A 103 -7.48 19.88 -6.27
CA GLN A 103 -8.25 18.89 -5.53
C GLN A 103 -8.10 19.11 -4.03
N LEU A 104 -6.93 19.59 -3.60
CA LEU A 104 -6.67 19.90 -2.20
C LEU A 104 -7.69 20.89 -1.60
N ARG A 105 -8.07 21.92 -2.35
CA ARG A 105 -8.96 22.94 -1.80
C ARG A 105 -10.44 22.54 -1.82
N VAL A 106 -10.73 21.43 -2.48
CA VAL A 106 -12.09 20.94 -2.65
C VAL A 106 -12.36 19.75 -1.72
N MET A 107 -11.56 18.69 -1.84
CA MET A 107 -11.79 17.47 -1.07
C MET A 107 -10.50 16.64 -1.00
N ASN A 108 -9.86 16.61 0.16
CA ASN A 108 -8.64 15.82 0.30
C ASN A 108 -8.88 14.30 0.13
N HIS A 109 -9.89 13.79 0.80
CA HIS A 109 -10.16 12.35 0.86
C HIS A 109 -11.44 12.12 1.59
N VAL A 110 -12.21 11.15 1.13
CA VAL A 110 -13.32 10.58 1.94
C VAL A 110 -13.19 9.06 1.85
N MET A 111 -13.77 8.37 2.83
CA MET A 111 -13.81 6.91 2.78
C MET A 111 -14.55 6.45 1.55
N PHE A 112 -14.04 5.42 0.89
CA PHE A 112 -14.69 4.89 -0.30
C PHE A 112 -15.79 3.88 0.02
N GLY A 113 -15.97 3.57 1.31
CA GLY A 113 -17.08 2.69 1.71
C GLY A 113 -18.38 3.49 1.78
N GLY A 114 -19.30 3.26 0.83
CA GLY A 114 -20.59 3.98 0.80
C GLY A 114 -20.56 5.31 0.04
N LEU A 115 -19.37 5.71 -0.39
CA LEU A 115 -19.21 6.98 -1.07
C LEU A 115 -18.46 6.83 -2.37
N THR A 116 -18.77 7.72 -3.32
CA THR A 116 -17.97 7.80 -4.53
C THR A 116 -17.59 9.27 -4.82
N HIS A 117 -16.76 9.49 -5.84
CA HIS A 117 -16.35 10.85 -6.16
C HIS A 117 -15.86 11.02 -7.55
N GLU A 118 -15.76 12.28 -7.97
CA GLU A 118 -15.33 12.59 -9.32
C GLU A 118 -13.91 12.10 -9.68
N PRO A 119 -12.91 12.33 -8.82
CA PRO A 119 -11.59 11.87 -9.25
C PRO A 119 -11.58 10.35 -9.52
N ALA A 120 -12.23 9.57 -8.67
CA ALA A 120 -12.28 8.14 -8.89
C ALA A 120 -13.02 7.75 -10.19
N ALA A 121 -14.11 8.44 -10.51
CA ALA A 121 -14.89 8.06 -11.69
C ALA A 121 -14.19 8.48 -12.98
N ARG A 122 -13.54 9.64 -12.95
CA ARG A 122 -12.80 10.12 -14.10
C ARG A 122 -11.66 9.18 -14.44
N LEU A 123 -10.90 8.79 -13.40
CA LEU A 123 -9.75 7.91 -13.57
C LEU A 123 -10.18 6.51 -13.96
N ALA A 124 -11.26 5.99 -13.35
CA ALA A 124 -11.76 4.69 -13.73
C ALA A 124 -12.16 4.69 -15.19
N LYS A 125 -12.76 5.79 -15.63
CA LYS A 125 -13.27 5.89 -17.01
C LYS A 125 -12.11 5.82 -17.99
N LEU A 126 -11.10 6.66 -17.74
CA LEU A 126 -9.84 6.68 -18.45
C LEU A 126 -9.16 5.30 -18.53
N LEU A 127 -9.06 4.64 -17.38
CA LEU A 127 -8.30 3.39 -17.30
C LEU A 127 -8.99 2.34 -18.14
N VAL A 128 -10.32 2.28 -18.05
CA VAL A 128 -11.11 1.33 -18.81
C VAL A 128 -10.98 1.56 -20.33
N ASP A 129 -10.89 2.83 -20.71
CA ASP A 129 -10.92 3.24 -22.11
CA ASP A 129 -10.93 3.23 -22.11
C ASP A 129 -9.61 2.97 -22.83
N ILE A 130 -8.48 3.15 -22.12
CA ILE A 130 -7.12 3.02 -22.71
C ILE A 130 -6.39 1.70 -22.49
N THR A 131 -6.87 0.89 -21.56
CA THR A 131 -6.23 -0.40 -21.30
C THR A 131 -6.69 -1.42 -22.36
N PRO A 132 -6.02 -2.59 -22.44
CA PRO A 132 -6.45 -3.64 -23.37
C PRO A 132 -7.94 -3.92 -23.24
N ALA A 133 -8.59 -4.27 -24.36
CA ALA A 133 -10.05 -4.39 -24.43
C ALA A 133 -10.60 -5.40 -23.42
N GLY A 134 -11.80 -5.14 -22.91
CA GLY A 134 -12.46 -6.05 -22.01
C GLY A 134 -12.16 -5.80 -20.53
N LEU A 135 -11.18 -4.94 -20.25
CA LEU A 135 -10.86 -4.64 -18.86
C LEU A 135 -11.77 -3.52 -18.36
N ASP A 136 -12.90 -3.91 -17.74
CA ASP A 136 -14.04 -3.02 -17.51
C ASP A 136 -14.28 -2.55 -16.06
N THR A 137 -13.68 -3.22 -15.08
CA THR A 137 -13.84 -2.81 -13.68
C THR A 137 -12.49 -2.46 -13.08
N VAL A 138 -12.52 -1.57 -12.09
CA VAL A 138 -11.28 -1.04 -11.52
C VAL A 138 -11.30 -1.02 -9.99
N PHE A 139 -10.31 -1.68 -9.40
CA PHE A 139 -10.13 -1.70 -7.94
C PHE A 139 -8.89 -0.89 -7.56
N PHE A 140 -9.10 0.24 -6.89
CA PHE A 140 -7.98 1.08 -6.48
C PHE A 140 -7.34 0.63 -5.19
N SER A 141 -6.03 0.81 -5.09
CA SER A 141 -5.31 0.51 -3.86
C SER A 141 -4.05 1.36 -3.80
N ASP A 142 -3.25 1.16 -2.77
CA ASP A 142 -2.18 2.11 -2.48
C ASP A 142 -0.78 1.81 -3.04
N SER A 143 -0.58 0.60 -3.57
CA SER A 143 0.75 0.17 -3.99
C SER A 143 0.71 -1.03 -4.91
N GLY A 144 1.78 -1.19 -5.71
CA GLY A 144 1.90 -2.33 -6.62
C GLY A 144 1.70 -3.69 -5.98
N SER A 145 2.43 -3.96 -4.90
CA SER A 145 2.34 -5.25 -4.23
C SER A 145 0.90 -5.54 -3.84
N VAL A 146 0.19 -4.52 -3.38
CA VAL A 146 -1.20 -4.70 -2.98
C VAL A 146 -2.10 -5.02 -4.16
N SER A 147 -1.90 -4.29 -5.26
CA SER A 147 -2.67 -4.53 -6.47
C SER A 147 -2.42 -5.95 -6.99
N VAL A 148 -1.22 -6.47 -6.78
CA VAL A 148 -0.94 -7.86 -7.14
C VAL A 148 -1.69 -8.85 -6.24
N GLU A 149 -1.76 -8.58 -4.93
CA GLU A 149 -2.50 -9.42 -4.02
C GLU A 149 -4.00 -9.37 -4.27
N VAL A 150 -4.47 -8.21 -4.70
CA VAL A 150 -5.85 -8.03 -5.16
C VAL A 150 -6.15 -8.86 -6.44
N ALA A 151 -5.28 -8.78 -7.46
CA ALA A 151 -5.37 -9.61 -8.67
C ALA A 151 -5.50 -11.11 -8.36
N ALA A 152 -4.60 -11.60 -7.48
CA ALA A 152 -4.65 -12.99 -7.03
C ALA A 152 -5.96 -13.30 -6.28
N LYS A 153 -6.41 -12.37 -5.45
CA LYS A 153 -7.69 -12.54 -4.81
C LYS A 153 -8.86 -12.63 -5.84
N MET A 154 -8.86 -11.80 -6.88
CA MET A 154 -9.91 -11.89 -7.91
C MET A 154 -9.89 -13.28 -8.53
N ALA A 155 -8.70 -13.76 -8.91
CA ALA A 155 -8.55 -15.07 -9.55
C ALA A 155 -9.07 -16.19 -8.63
N LEU A 156 -8.60 -16.21 -7.38
CA LEU A 156 -9.08 -17.20 -6.42
C LEU A 156 -10.60 -17.17 -6.26
N GLN A 157 -11.16 -16.00 -5.97
CA GLN A 157 -12.62 -15.89 -5.79
C GLN A 157 -13.41 -16.19 -7.06
N TYR A 158 -12.83 -15.91 -8.22
CA TYR A 158 -13.52 -16.20 -9.44
C TYR A 158 -13.81 -17.69 -9.51
N TRP A 159 -12.78 -18.48 -9.25
CA TRP A 159 -12.88 -19.90 -9.39
C TRP A 159 -13.68 -20.50 -8.28
N ARG A 160 -13.68 -19.85 -7.12
CA ARG A 160 -14.62 -20.19 -6.06
C ARG A 160 -16.05 -19.90 -6.50
N GLY A 161 -16.23 -18.81 -7.23
CA GLY A 161 -17.52 -18.51 -7.85
C GLY A 161 -18.02 -19.58 -8.81
N ARG A 162 -17.11 -20.41 -9.33
CA ARG A 162 -17.43 -21.37 -10.40
C ARG A 162 -17.47 -22.78 -9.84
N GLY A 163 -17.30 -22.89 -8.52
CA GLY A 163 -17.28 -24.19 -7.82
C GLY A 163 -15.99 -24.98 -8.01
N LEU A 164 -14.90 -24.27 -8.31
CA LEU A 164 -13.61 -24.93 -8.52
C LEU A 164 -12.57 -24.37 -7.55
N PRO A 165 -12.82 -24.53 -6.22
CA PRO A 165 -11.91 -23.99 -5.22
C PRO A 165 -10.54 -24.68 -5.25
N GLY A 166 -10.41 -25.77 -5.99
CA GLY A 166 -9.11 -26.43 -6.18
C GLY A 166 -8.16 -25.59 -7.04
N LYS A 167 -8.71 -24.75 -7.88
CA LYS A 167 -7.92 -23.83 -8.69
C LYS A 167 -7.41 -22.67 -7.82
N ARG A 168 -6.28 -22.88 -7.15
CA ARG A 168 -5.77 -21.90 -6.19
C ARG A 168 -4.27 -21.53 -6.33
N ARG A 169 -3.54 -22.29 -7.12
CA ARG A 169 -2.12 -22.00 -7.33
C ARG A 169 -1.94 -21.02 -8.48
N LEU A 170 -0.80 -20.38 -8.52
CA LEU A 170 -0.42 -19.49 -9.60
C LEU A 170 0.77 -20.08 -10.36
N MET A 171 0.88 -19.76 -11.65
CA MET A 171 1.98 -20.19 -12.50
C MET A 171 2.63 -18.99 -13.16
N THR A 172 3.96 -18.94 -13.11
CA THR A 172 4.68 -17.88 -13.77
C THR A 172 5.90 -18.50 -14.42
N TRP A 173 6.65 -17.69 -15.15
CA TRP A 173 7.97 -18.07 -15.69
C TRP A 173 9.02 -17.37 -14.88
N ARG A 174 10.27 -17.83 -14.97
CA ARG A 174 11.34 -17.33 -14.09
C ARG A 174 11.76 -15.89 -14.41
N GLY A 175 12.55 -15.28 -13.53
CA GLY A 175 13.08 -13.91 -13.75
C GLY A 175 12.10 -12.77 -13.44
N GLY A 176 10.95 -13.12 -12.87
CA GLY A 176 9.88 -12.17 -12.59
C GLY A 176 9.98 -11.45 -11.24
N TYR A 177 9.28 -10.33 -11.14
CA TYR A 177 9.16 -9.61 -9.88
C TYR A 177 7.76 -9.03 -9.80
N HIS A 178 7.17 -9.13 -8.61
CA HIS A 178 5.78 -8.75 -8.40
C HIS A 178 5.50 -8.04 -7.10
N GLY A 179 6.53 -7.65 -6.38
CA GLY A 179 6.32 -6.97 -5.10
C GLY A 179 6.84 -7.73 -3.90
N ASP A 180 6.72 -7.12 -2.73
CA ASP A 180 7.38 -7.65 -1.53
C ASP A 180 6.44 -8.25 -0.47
N THR A 181 5.13 -8.11 -0.65
CA THR A 181 4.19 -8.76 0.24
C THR A 181 4.21 -10.25 -0.02
N PHE A 182 3.73 -11.03 0.95
CA PHE A 182 4.02 -12.48 0.96
C PHE A 182 3.43 -13.26 -0.23
N LEU A 183 2.24 -12.93 -0.71
CA LEU A 183 1.71 -13.57 -1.90
CA LEU A 183 1.73 -13.60 -1.89
C LEU A 183 2.52 -13.10 -3.11
N ALA A 184 2.74 -11.80 -3.19
CA ALA A 184 3.54 -11.23 -4.28
C ALA A 184 4.91 -11.96 -4.38
N MET A 185 5.55 -12.16 -3.22
CA MET A 185 6.85 -12.81 -3.13
C MET A 185 6.84 -14.20 -3.72
N SER A 186 5.70 -14.91 -3.61
CA SER A 186 5.65 -16.31 -3.96
C SER A 186 5.81 -16.53 -5.46
N ILE A 187 5.52 -15.50 -6.26
CA ILE A 187 5.67 -15.58 -7.71
C ILE A 187 6.89 -14.82 -8.25
N CYS A 188 7.68 -14.23 -7.36
CA CYS A 188 8.94 -13.61 -7.75
C CYS A 188 9.93 -14.73 -8.10
N ASP A 189 10.94 -14.43 -8.90
CA ASP A 189 11.99 -15.41 -9.23
C ASP A 189 12.57 -16.06 -7.95
N PRO A 190 12.61 -17.40 -7.89
CA PRO A 190 13.05 -18.09 -6.64
C PRO A 190 14.52 -17.84 -6.23
N HIS A 191 15.33 -17.34 -7.18
CA HIS A 191 16.70 -16.89 -6.90
C HIS A 191 16.77 -15.41 -6.62
N GLY A 192 16.11 -14.60 -7.45
CA GLY A 192 16.02 -13.15 -7.24
C GLY A 192 15.31 -12.79 -5.94
N GLY A 193 14.19 -13.46 -5.68
CA GLY A 193 13.44 -13.26 -4.44
C GLY A 193 13.90 -14.06 -3.21
N MET A 194 15.00 -14.82 -3.35
CA MET A 194 15.61 -15.56 -2.24
C MET A 194 14.63 -16.50 -1.52
N HIS A 195 13.94 -17.36 -2.28
CA HIS A 195 12.80 -18.12 -1.75
C HIS A 195 13.13 -19.10 -0.68
N SER A 196 14.41 -19.13 -0.35
CA SER A 196 14.89 -19.88 0.77
C SER A 196 16.23 -19.26 1.08
N LEU A 197 16.37 -18.44 2.14
CA LEU A 197 15.37 -17.73 3.00
C LEU A 197 13.92 -18.16 3.33
N TRP A 198 12.97 -17.94 2.42
CA TRP A 198 11.54 -18.07 2.76
C TRP A 198 10.96 -19.48 2.65
N THR A 199 11.69 -20.46 3.19
CA THR A 199 11.42 -21.89 2.97
C THR A 199 9.96 -22.30 3.19
N ASP A 200 9.55 -22.45 4.43
CA ASP A 200 8.23 -23.02 4.72
C ASP A 200 7.18 -21.95 4.93
N VAL A 201 7.42 -20.78 4.36
CA VAL A 201 6.51 -19.63 4.51
C VAL A 201 5.71 -19.24 3.26
N LEU A 202 6.34 -19.34 2.09
CA LEU A 202 5.69 -18.94 0.83
C LEU A 202 4.79 -20.03 0.28
N ALA A 203 3.69 -19.63 -0.34
CA ALA A 203 2.89 -20.56 -1.14
C ALA A 203 3.77 -21.18 -2.22
N ALA A 204 3.60 -22.48 -2.44
CA ALA A 204 4.35 -23.23 -3.44
C ALA A 204 3.71 -23.00 -4.82
N GLN A 205 4.38 -22.21 -5.66
CA GLN A 205 3.84 -21.88 -6.99
C GLN A 205 4.51 -22.69 -8.10
N VAL A 206 3.97 -22.58 -9.32
CA VAL A 206 4.52 -23.30 -10.47
C VAL A 206 5.40 -22.39 -11.35
N PHE A 207 6.66 -22.79 -11.54
CA PHE A 207 7.61 -21.99 -12.32
C PHE A 207 8.08 -22.61 -13.65
N ALA A 208 7.78 -21.94 -14.75
CA ALA A 208 8.35 -22.24 -16.06
C ALA A 208 9.78 -21.71 -16.14
N PRO A 209 10.62 -22.33 -17.00
CA PRO A 209 11.97 -21.80 -17.21
C PRO A 209 11.95 -20.34 -17.67
N GLN A 210 13.05 -19.64 -17.44
CA GLN A 210 13.23 -18.27 -17.88
C GLN A 210 12.80 -18.11 -19.35
N VAL A 211 11.94 -17.12 -19.64
CA VAL A 211 11.49 -16.89 -21.03
C VAL A 211 12.61 -16.25 -21.85
N PRO A 212 12.96 -16.86 -22.98
CA PRO A 212 14.08 -16.37 -23.78
C PRO A 212 13.77 -15.03 -24.43
N ARG A 213 14.79 -14.28 -24.80
CA ARG A 213 14.61 -13.05 -25.58
C ARG A 213 13.99 -13.33 -26.95
N ASP A 214 14.60 -14.23 -27.70
CA ASP A 214 14.12 -14.54 -29.02
C ASP A 214 13.01 -15.57 -28.96
N TYR A 215 12.10 -15.46 -29.92
CA TYR A 215 10.95 -16.33 -30.02
C TYR A 215 11.31 -17.76 -30.42
N ASP A 216 10.99 -18.70 -29.53
CA ASP A 216 11.19 -20.12 -29.83
C ASP A 216 9.92 -20.89 -29.52
N PRO A 217 9.29 -21.50 -30.55
CA PRO A 217 8.00 -22.18 -30.29
C PRO A 217 8.12 -23.39 -29.35
N ALA A 218 9.33 -23.96 -29.25
CA ALA A 218 9.57 -25.07 -28.33
C ALA A 218 9.34 -24.65 -26.89
N TYR A 219 9.62 -23.38 -26.58
CA TYR A 219 9.39 -22.80 -25.25
C TYR A 219 7.91 -22.75 -24.85
N SER A 220 7.07 -22.24 -25.75
CA SER A 220 5.62 -22.21 -25.57
C SER A 220 5.01 -23.62 -25.46
N ALA A 221 5.52 -24.55 -26.28
CA ALA A 221 5.06 -25.95 -26.20
C ALA A 221 5.39 -26.56 -24.82
N ALA A 222 6.56 -26.24 -24.29
CA ALA A 222 6.97 -26.81 -23.00
C ALA A 222 6.16 -26.14 -21.90
N PHE A 223 5.87 -24.85 -22.09
CA PHE A 223 5.04 -24.09 -21.16
C PHE A 223 3.64 -24.71 -21.07
N GLU A 224 3.02 -24.88 -22.24
CA GLU A 224 1.72 -25.56 -22.32
C GLU A 224 1.72 -26.91 -21.62
N ALA A 225 2.75 -27.72 -21.89
CA ALA A 225 2.79 -29.09 -21.36
C ALA A 225 2.93 -29.05 -19.85
N GLN A 226 3.66 -28.06 -19.34
CA GLN A 226 3.81 -27.91 -17.89
C GLN A 226 2.51 -27.40 -17.30
N LEU A 227 1.87 -26.46 -17.99
CA LEU A 227 0.60 -25.93 -17.48
C LEU A 227 -0.44 -27.04 -17.48
N ALA A 228 -0.55 -27.76 -18.60
CA ALA A 228 -1.49 -28.88 -18.75
C ALA A 228 -1.56 -29.83 -17.55
N GLN A 229 -0.44 -30.07 -16.88
CA GLN A 229 -0.45 -31.02 -15.76
C GLN A 229 -0.77 -30.40 -14.41
N HIS A 230 -1.05 -29.10 -14.41
CA HIS A 230 -1.50 -28.41 -13.21
C HIS A 230 -2.78 -27.67 -13.45
N ALA A 231 -3.30 -27.74 -14.68
CA ALA A 231 -4.51 -26.96 -15.03
C ALA A 231 -5.61 -26.99 -13.96
N GLY A 232 -5.85 -28.15 -13.36
CA GLY A 232 -6.93 -28.29 -12.37
C GLY A 232 -6.61 -27.62 -11.05
N GLU A 233 -5.36 -27.26 -10.83
CA GLU A 233 -4.98 -26.58 -9.57
C GLU A 233 -4.47 -25.12 -9.78
N LEU A 234 -4.60 -24.64 -11.02
CA LEU A 234 -4.15 -23.30 -11.34
C LEU A 234 -5.31 -22.34 -11.44
N ALA A 235 -5.29 -21.32 -10.59
CA ALA A 235 -6.18 -20.19 -10.72
C ALA A 235 -5.80 -19.31 -11.92
N ALA A 236 -4.49 -19.08 -12.08
CA ALA A 236 -4.03 -18.11 -13.07
C ALA A 236 -2.53 -18.19 -13.39
N VAL A 237 -2.21 -17.72 -14.60
CA VAL A 237 -0.84 -17.41 -14.99
C VAL A 237 -0.60 -15.93 -14.74
N VAL A 238 0.51 -15.57 -14.10
CA VAL A 238 0.86 -14.16 -13.87
C VAL A 238 2.26 -13.88 -14.42
N VAL A 239 2.38 -12.87 -15.28
CA VAL A 239 3.67 -12.49 -15.88
C VAL A 239 3.74 -10.98 -16.10
N GLU A 240 4.96 -10.44 -16.09
CA GLU A 240 5.24 -9.11 -16.61
C GLU A 240 5.32 -9.23 -18.15
N PRO A 241 4.43 -8.53 -18.89
CA PRO A 241 4.49 -8.63 -20.35
C PRO A 241 5.65 -7.86 -20.99
N VAL A 242 6.34 -8.51 -21.93
CA VAL A 242 7.41 -7.93 -22.75
C VAL A 242 8.69 -7.58 -22.00
N VAL A 243 8.58 -6.82 -20.90
CA VAL A 243 9.75 -6.44 -20.09
C VAL A 243 9.67 -6.93 -18.63
N GLN A 244 10.66 -7.72 -18.22
CA GLN A 244 10.82 -8.13 -16.82
C GLN A 244 11.73 -7.14 -16.15
N GLY A 245 11.20 -6.42 -15.15
CA GLY A 245 11.87 -5.28 -14.51
C GLY A 245 12.90 -5.70 -13.48
N ALA A 246 12.47 -5.76 -12.22
CA ALA A 246 13.40 -5.86 -11.10
C ALA A 246 14.07 -7.22 -11.03
N GLY A 247 13.58 -8.16 -11.83
CA GLY A 247 14.18 -9.48 -11.92
C GLY A 247 15.41 -9.53 -12.81
N GLY A 248 15.67 -8.46 -13.56
CA GLY A 248 16.88 -8.39 -14.40
C GLY A 248 16.78 -7.68 -15.75
N MET A 249 15.82 -6.77 -15.90
CA MET A 249 15.65 -5.96 -17.11
C MET A 249 15.75 -6.80 -18.41
N ARG A 250 15.03 -7.91 -18.42
CA ARG A 250 15.04 -8.82 -19.55
C ARG A 250 13.86 -8.53 -20.44
N PHE A 251 14.11 -8.58 -21.76
CA PHE A 251 13.07 -8.36 -22.75
C PHE A 251 12.71 -9.70 -23.37
N HIS A 252 11.46 -9.90 -23.72
CA HIS A 252 11.13 -11.06 -24.55
C HIS A 252 10.21 -10.71 -25.68
N ASP A 253 10.20 -11.58 -26.68
CA ASP A 253 9.35 -11.39 -27.85
C ASP A 253 7.85 -11.34 -27.55
N PRO A 254 7.16 -10.25 -27.91
CA PRO A 254 5.74 -10.13 -27.60
C PRO A 254 4.92 -11.35 -28.00
N ARG A 255 5.38 -12.12 -28.98
CA ARG A 255 4.64 -13.30 -29.44
C ARG A 255 4.40 -14.40 -28.38
N TYR A 256 5.28 -14.52 -27.39
CA TYR A 256 5.00 -15.41 -26.25
C TYR A 256 3.68 -15.06 -25.52
N LEU A 257 3.37 -13.76 -25.40
CA LEU A 257 2.13 -13.32 -24.78
C LEU A 257 0.92 -13.83 -25.54
N HIS A 258 1.04 -13.85 -26.87
CA HIS A 258 -0.02 -14.36 -27.71
C HIS A 258 -0.23 -15.83 -27.45
N ASP A 259 0.87 -16.56 -27.28
CA ASP A 259 0.81 -17.96 -26.90
C ASP A 259 0.23 -18.13 -25.50
N LEU A 260 0.61 -17.25 -24.57
CA LEU A 260 0.09 -17.33 -23.22
C LEU A 260 -1.43 -17.14 -23.22
N ARG A 261 -1.91 -16.20 -24.04
CA ARG A 261 -3.35 -15.97 -24.16
C ARG A 261 -4.08 -17.22 -24.69
N ASP A 262 -3.51 -17.82 -25.73
CA ASP A 262 -4.11 -18.99 -26.35
C ASP A 262 -4.15 -20.18 -25.36
N ILE A 263 -3.01 -20.48 -24.72
CA ILE A 263 -2.92 -21.56 -23.72
C ILE A 263 -3.91 -21.35 -22.56
N CYS A 264 -4.02 -20.11 -22.08
CA CYS A 264 -4.90 -19.82 -20.93
C CYS A 264 -6.35 -20.03 -21.32
N ARG A 265 -6.69 -19.61 -22.53
CA ARG A 265 -8.02 -19.78 -23.07
C ARG A 265 -8.36 -21.26 -23.14
N ARG A 266 -7.48 -22.06 -23.73
CA ARG A 266 -7.79 -23.45 -23.95
C ARG A 266 -7.84 -24.28 -22.67
N TYR A 267 -7.06 -23.90 -21.64
CA TYR A 267 -6.99 -24.70 -20.41
C TYR A 267 -7.79 -24.09 -19.27
N GLU A 268 -8.43 -22.95 -19.54
CA GLU A 268 -9.28 -22.28 -18.54
C GLU A 268 -8.51 -21.93 -17.29
N VAL A 269 -7.51 -21.08 -17.51
CA VAL A 269 -6.65 -20.57 -16.47
C VAL A 269 -6.66 -19.10 -16.77
N LEU A 270 -6.87 -18.26 -15.77
CA LEU A 270 -6.95 -16.82 -16.02
C LEU A 270 -5.56 -16.27 -16.33
N LEU A 271 -5.52 -15.21 -17.13
CA LEU A 271 -4.25 -14.56 -17.47
C LEU A 271 -4.16 -13.20 -16.79
N ILE A 272 -3.06 -13.00 -16.05
CA ILE A 272 -2.82 -11.76 -15.34
C ILE A 272 -1.54 -11.09 -15.85
N PHE A 273 -1.66 -9.84 -16.26
CA PHE A 273 -0.50 -9.05 -16.65
C PHE A 273 -0.13 -8.03 -15.59
N ASP A 274 1.06 -8.20 -15.04
CA ASP A 274 1.61 -7.21 -14.12
C ASP A 274 2.27 -6.10 -14.92
N GLU A 275 1.50 -5.03 -15.16
CA GLU A 275 2.00 -3.88 -15.93
C GLU A 275 2.41 -2.69 -15.06
N ILE A 276 2.76 -2.99 -13.80
CA ILE A 276 3.11 -1.98 -12.80
C ILE A 276 4.40 -1.22 -13.20
N ALA A 277 5.33 -1.91 -13.88
CA ALA A 277 6.56 -1.27 -14.36
C ALA A 277 6.42 -0.82 -15.83
N THR A 278 5.64 -1.58 -16.60
CA THR A 278 5.60 -1.41 -18.06
C THR A 278 4.58 -0.40 -18.58
N GLY A 279 3.53 -0.13 -17.79
CA GLY A 279 2.45 0.76 -18.21
C GLY A 279 2.81 2.20 -18.55
N PHE A 280 1.86 2.84 -19.25
CA PHE A 280 1.94 4.26 -19.54
C PHE A 280 3.11 4.63 -20.45
N GLY A 281 3.25 3.85 -21.51
CA GLY A 281 4.14 4.20 -22.62
C GLY A 281 5.58 3.76 -22.51
N ARG A 282 5.96 3.21 -21.36
CA ARG A 282 7.38 3.02 -21.05
C ARG A 282 8.15 2.07 -22.00
N THR A 283 7.44 1.12 -22.62
CA THR A 283 8.06 0.16 -23.53
C THR A 283 7.85 0.53 -25.01
N GLY A 284 7.28 1.71 -25.26
CA GLY A 284 7.01 2.17 -26.62
C GLY A 284 5.57 1.93 -27.03
N ALA A 285 4.87 1.07 -26.29
CA ALA A 285 3.43 0.94 -26.45
C ALA A 285 2.75 1.49 -25.19
N LEU A 286 1.46 1.83 -25.29
CA LEU A 286 0.78 2.46 -24.15
C LEU A 286 0.88 1.51 -22.95
N PHE A 287 0.51 0.26 -23.21
CA PHE A 287 0.68 -0.84 -22.28
C PHE A 287 1.45 -1.92 -23.01
N ALA A 288 2.33 -2.60 -22.32
CA ALA A 288 3.19 -3.58 -22.97
C ALA A 288 2.39 -4.70 -23.66
N ALA A 289 1.22 -5.04 -23.12
CA ALA A 289 0.30 -6.02 -23.75
C ALA A 289 -0.02 -5.66 -25.20
N ASP A 290 -0.06 -4.36 -25.47
CA ASP A 290 -0.35 -3.84 -26.81
C ASP A 290 0.64 -4.27 -27.85
N HIS A 291 1.88 -4.58 -27.45
CA HIS A 291 2.89 -5.01 -28.41
C HIS A 291 2.50 -6.28 -29.05
N ALA A 292 1.57 -7.00 -28.41
CA ALA A 292 1.16 -8.31 -28.86
C ALA A 292 -0.33 -8.35 -29.22
N GLY A 293 -1.04 -7.26 -28.95
CA GLY A 293 -2.50 -7.19 -29.18
C GLY A 293 -3.38 -8.01 -28.23
N VAL A 294 -2.79 -8.51 -27.14
CA VAL A 294 -3.45 -9.43 -26.20
C VAL A 294 -4.13 -8.72 -25.02
N SER A 295 -5.29 -9.22 -24.61
CA SER A 295 -6.00 -8.70 -23.42
C SER A 295 -5.88 -9.73 -22.29
N PRO A 296 -5.33 -9.33 -21.11
CA PRO A 296 -5.30 -10.28 -19.99
C PRO A 296 -6.68 -10.34 -19.35
N ASP A 297 -6.92 -11.29 -18.46
CA ASP A 297 -8.20 -11.30 -17.75
C ASP A 297 -8.16 -10.28 -16.62
N ILE A 298 -6.96 -10.10 -16.07
CA ILE A 298 -6.73 -9.23 -14.90
C ILE A 298 -5.40 -8.51 -15.16
N MET A 299 -5.34 -7.21 -14.84
CA MET A 299 -4.18 -6.38 -15.06
C MET A 299 -3.87 -5.52 -13.84
N CYS A 300 -2.58 -5.38 -13.50
CA CYS A 300 -2.12 -4.46 -12.45
C CYS A 300 -1.31 -3.26 -13.00
N VAL A 301 -1.61 -2.07 -12.49
CA VAL A 301 -0.81 -0.86 -12.80
C VAL A 301 -0.48 -0.14 -11.49
N GLY A 302 0.56 0.69 -11.54
CA GLY A 302 1.03 1.46 -10.37
C GLY A 302 2.19 2.30 -10.86
N LYS A 303 3.13 2.60 -9.99
CA LYS A 303 4.35 3.32 -10.37
C LYS A 303 4.17 4.64 -11.12
N ALA A 304 4.02 4.57 -12.44
CA ALA A 304 3.85 5.78 -13.25
C ALA A 304 2.42 6.28 -13.26
N LEU A 305 1.57 5.61 -12.49
CA LEU A 305 0.14 5.91 -12.50
C LEU A 305 -0.09 7.37 -12.16
N THR A 306 0.57 7.85 -11.10
CA THR A 306 0.39 9.22 -10.64
C THR A 306 1.48 10.16 -11.13
N GLY A 307 2.21 9.77 -12.17
CA GLY A 307 3.39 10.53 -12.56
C GLY A 307 4.44 10.63 -11.48
N GLY A 308 4.44 9.68 -10.55
CA GLY A 308 5.45 9.68 -9.50
C GLY A 308 5.28 10.75 -8.45
N TYR A 309 4.06 11.19 -8.23
CA TYR A 309 3.78 12.13 -7.15
C TYR A 309 3.40 11.40 -5.86
N LEU A 310 2.44 10.50 -5.95
CA LEU A 310 1.89 9.85 -4.78
C LEU A 310 1.75 8.37 -5.06
N SER A 311 1.66 7.58 -3.99
CA SER A 311 1.47 6.15 -4.12
CA SER A 311 1.47 6.15 -4.17
C SER A 311 0.04 5.82 -4.53
N LEU A 312 -0.10 5.05 -5.60
CA LEU A 312 -1.40 4.60 -6.07
C LEU A 312 -1.16 3.43 -7.02
N ALA A 313 -2.04 2.43 -6.94
CA ALA A 313 -2.03 1.34 -7.90
C ALA A 313 -3.46 1.03 -8.29
N ALA A 314 -3.63 0.22 -9.33
CA ALA A 314 -4.94 -0.25 -9.72
C ALA A 314 -4.91 -1.69 -10.25
N THR A 315 -5.97 -2.43 -9.96
CA THR A 315 -6.17 -3.77 -10.49
C THR A 315 -7.49 -3.73 -11.23
N LEU A 316 -7.42 -4.06 -12.53
CA LEU A 316 -8.59 -4.12 -13.40
C LEU A 316 -8.87 -5.58 -13.75
N CYS A 317 -10.15 -5.92 -13.93
CA CYS A 317 -10.51 -7.26 -14.38
C CYS A 317 -11.72 -7.18 -15.32
N THR A 318 -12.02 -8.26 -16.04
CA THR A 318 -13.11 -8.26 -16.99
C THR A 318 -14.45 -8.29 -16.29
N ALA A 319 -15.49 -7.91 -17.04
CA ALA A 319 -16.89 -7.99 -16.59
C ALA A 319 -17.22 -9.41 -16.14
N ASP A 320 -16.83 -10.39 -16.92
CA ASP A 320 -17.07 -11.77 -16.54
C ASP A 320 -16.48 -12.08 -15.15
N VAL A 321 -15.25 -11.61 -14.90
CA VAL A 321 -14.60 -11.89 -13.62
C VAL A 321 -15.38 -11.24 -12.47
N ALA A 322 -15.69 -9.97 -12.66
CA ALA A 322 -16.45 -9.19 -11.68
C ALA A 322 -17.80 -9.80 -11.33
N HIS A 323 -18.52 -10.24 -12.35
CA HIS A 323 -19.84 -10.86 -12.17
C HIS A 323 -19.79 -12.19 -11.52
N THR A 324 -18.80 -13.01 -11.84
CA THR A 324 -18.68 -14.31 -11.18
C THR A 324 -18.35 -14.19 -9.67
N ILE A 325 -17.50 -13.24 -9.30
CA ILE A 325 -17.17 -13.03 -7.90
C ILE A 325 -18.42 -12.51 -7.22
N SER A 326 -19.07 -11.53 -7.88
CA SER A 326 -20.30 -10.93 -7.39
C SER A 326 -21.48 -11.93 -7.28
N ALA A 327 -21.54 -12.91 -8.18
CA ALA A 327 -22.58 -13.95 -8.12
C ALA A 327 -22.18 -15.12 -7.22
N GLY A 328 -20.90 -15.16 -6.84
CA GLY A 328 -20.38 -16.21 -5.95
C GLY A 328 -20.92 -16.15 -4.52
N ALA A 329 -20.57 -17.17 -3.74
CA ALA A 329 -21.06 -17.35 -2.37
C ALA A 329 -20.74 -16.14 -1.48
N ALA A 330 -19.64 -15.48 -1.80
CA ALA A 330 -19.13 -14.39 -0.99
C ALA A 330 -19.90 -13.11 -1.27
N GLY A 331 -20.38 -12.98 -2.51
CA GLY A 331 -21.16 -11.81 -2.92
C GLY A 331 -20.36 -10.52 -3.08
N ALA A 332 -19.04 -10.60 -3.03
CA ALA A 332 -18.19 -9.41 -2.98
C ALA A 332 -16.73 -9.81 -3.05
N LEU A 333 -15.89 -8.89 -3.51
CA LEU A 333 -14.45 -9.04 -3.48
C LEU A 333 -13.96 -8.63 -2.10
N MET A 334 -13.42 -9.59 -1.35
CA MET A 334 -13.14 -9.40 0.08
C MET A 334 -11.84 -8.61 0.31
N HIS A 335 -11.91 -7.31 0.03
CA HIS A 335 -10.75 -6.43 0.03
C HIS A 335 -11.21 -5.00 0.06
N GLY A 336 -10.44 -4.14 0.75
CA GLY A 336 -10.87 -2.76 0.98
C GLY A 336 -9.87 -1.91 1.72
N PRO A 337 -8.83 -1.45 1.02
CA PRO A 337 -7.81 -0.62 1.70
C PRO A 337 -8.38 0.69 2.24
N THR A 338 -7.94 1.08 3.44
CA THR A 338 -8.32 2.37 4.03
C THR A 338 -8.39 3.54 3.05
N PHE A 339 -7.27 3.80 2.35
CA PHE A 339 -7.20 4.94 1.46
C PHE A 339 -7.66 4.66 0.03
N MET A 340 -8.42 3.59 -0.15
CA MET A 340 -8.94 3.24 -1.45
C MET A 340 -9.43 4.46 -2.22
N ALA A 341 -8.89 4.62 -3.43
CA ALA A 341 -9.36 5.62 -4.40
C ALA A 341 -9.19 7.06 -3.91
N ASN A 342 -8.16 7.29 -3.09
CA ASN A 342 -7.87 8.61 -2.52
C ASN A 342 -7.99 9.72 -3.56
N PRO A 343 -8.86 10.72 -3.31
CA PRO A 343 -9.12 11.78 -4.30
C PRO A 343 -7.88 12.50 -4.78
N LEU A 344 -7.01 12.91 -3.86
CA LEU A 344 -5.77 13.60 -4.23
C LEU A 344 -4.96 12.78 -5.22
N ALA A 345 -4.68 11.53 -4.86
CA ALA A 345 -3.91 10.64 -5.69
C ALA A 345 -4.57 10.39 -7.04
N CYS A 346 -5.89 10.20 -7.07
CA CYS A 346 -6.62 9.99 -8.33
C CYS A 346 -6.58 11.21 -9.23
N ALA A 347 -6.77 12.40 -8.63
CA ALA A 347 -6.79 13.65 -9.39
C ALA A 347 -5.49 13.88 -10.11
N VAL A 348 -4.37 13.60 -9.44
CA VAL A 348 -3.09 13.80 -10.08
C VAL A 348 -2.88 12.73 -11.16
N SER A 349 -3.26 11.47 -10.90
CA SER A 349 -3.23 10.42 -11.93
CA SER A 349 -3.21 10.42 -11.93
C SER A 349 -4.01 10.82 -13.18
N VAL A 350 -5.25 11.28 -12.98
CA VAL A 350 -6.10 11.76 -14.07
C VAL A 350 -5.29 12.73 -14.95
N ALA A 351 -4.74 13.76 -14.32
CA ALA A 351 -3.92 14.76 -15.00
C ALA A 351 -2.67 14.19 -15.63
N SER A 352 -2.08 13.16 -15.01
CA SER A 352 -0.90 12.48 -15.55
C SER A 352 -1.25 11.66 -16.79
N VAL A 353 -2.32 10.89 -16.72
CA VAL A 353 -2.79 10.12 -17.88
C VAL A 353 -3.25 11.06 -19.01
N GLU A 354 -4.01 12.10 -18.66
CA GLU A 354 -4.47 13.07 -19.66
C GLU A 354 -3.31 13.77 -20.36
N LEU A 355 -2.32 14.21 -19.58
CA LEU A 355 -1.13 14.84 -20.15
C LEU A 355 -0.38 13.90 -21.12
N LEU A 356 -0.29 12.62 -20.80
CA LEU A 356 0.32 11.65 -21.69
C LEU A 356 -0.48 11.47 -22.97
N LEU A 357 -1.81 11.29 -22.83
CA LEU A 357 -2.70 11.04 -23.97
C LEU A 357 -2.87 12.25 -24.88
N GLY A 358 -2.63 13.44 -24.34
CA GLY A 358 -2.82 14.68 -25.08
C GLY A 358 -1.65 15.07 -25.95
N GLN A 359 -0.52 14.35 -25.82
CA GLN A 359 0.65 14.61 -26.65
C GLN A 359 0.91 13.41 -27.58
N ASP A 360 1.82 13.59 -28.54
CA ASP A 360 2.22 12.49 -29.41
C ASP A 360 3.26 11.60 -28.68
N TRP A 361 2.77 10.84 -27.69
CA TRP A 361 3.66 10.10 -26.79
C TRP A 361 4.45 9.04 -27.52
N ARG A 362 3.85 8.43 -28.56
CA ARG A 362 4.51 7.36 -29.32
C ARG A 362 5.80 7.84 -30.00
N THR A 363 5.71 8.97 -30.69
CA THR A 363 6.85 9.59 -31.34
C THR A 363 7.92 9.98 -30.32
N ARG A 364 7.49 10.59 -29.22
CA ARG A 364 8.37 10.89 -28.09
C ARG A 364 9.15 9.63 -27.63
N ILE A 365 8.44 8.52 -27.39
CA ILE A 365 9.12 7.32 -26.88
C ILE A 365 10.06 6.70 -27.93
N THR A 366 9.66 6.73 -29.19
CA THR A 366 10.53 6.33 -30.29
C THR A 366 11.83 7.20 -30.29
N GLU A 367 11.68 8.50 -30.08
CA GLU A 367 12.85 9.40 -30.08
C GLU A 367 13.84 9.10 -28.95
N LEU A 368 13.29 8.83 -27.76
CA LEU A 368 14.05 8.48 -26.56
C LEU A 368 14.79 7.18 -26.76
N ALA A 369 14.08 6.18 -27.30
CA ALA A 369 14.67 4.89 -27.61
C ALA A 369 15.83 5.05 -28.62
N ALA A 370 15.62 5.83 -29.68
CA ALA A 370 16.68 6.03 -30.68
C ALA A 370 17.90 6.71 -30.06
N GLY A 371 17.63 7.64 -29.15
CA GLY A 371 18.71 8.33 -28.44
C GLY A 371 19.46 7.44 -27.44
N LEU A 372 18.75 6.48 -26.83
CA LEU A 372 19.38 5.55 -25.89
C LEU A 372 20.20 4.55 -26.67
N THR A 373 19.64 4.08 -27.79
CA THR A 373 20.34 3.17 -28.69
C THR A 373 21.66 3.76 -29.19
N ALA A 374 21.61 5.00 -29.68
CA ALA A 374 22.79 5.62 -30.29
C ALA A 374 23.83 5.86 -29.24
N GLY A 375 23.37 6.38 -28.09
CA GLY A 375 24.24 6.76 -26.99
C GLY A 375 24.91 5.59 -26.27
N LEU A 376 24.31 4.40 -26.40
CA LEU A 376 24.78 3.21 -25.64
C LEU A 376 25.57 2.24 -26.50
N ASP A 377 25.57 2.48 -27.81
CA ASP A 377 26.26 1.62 -28.76
C ASP A 377 27.73 1.39 -28.42
N THR A 378 28.44 2.47 -28.10
CA THR A 378 29.89 2.37 -27.85
CA THR A 378 29.88 2.40 -27.82
C THR A 378 30.21 1.42 -26.69
N ALA A 379 29.23 1.15 -25.83
CA ALA A 379 29.47 0.30 -24.68
C ALA A 379 29.55 -1.18 -25.06
N ARG A 380 29.06 -1.57 -26.24
CA ARG A 380 29.18 -2.97 -26.68
C ARG A 380 30.62 -3.42 -26.74
N ALA A 381 31.53 -2.50 -27.08
CA ALA A 381 32.95 -2.82 -27.21
C ALA A 381 33.64 -3.03 -25.86
N LEU A 382 33.13 -2.38 -24.80
CA LEU A 382 33.79 -2.44 -23.48
C LEU A 382 34.07 -3.88 -23.01
N PRO A 383 35.23 -4.10 -22.35
CA PRO A 383 35.58 -5.49 -21.96
C PRO A 383 34.60 -6.12 -20.96
N ALA A 384 33.93 -5.31 -20.15
CA ALA A 384 33.06 -5.82 -19.07
C ALA A 384 31.58 -5.94 -19.45
N VAL A 385 31.25 -5.53 -20.67
CA VAL A 385 29.85 -5.55 -21.08
C VAL A 385 29.48 -6.81 -21.84
N THR A 386 28.41 -7.48 -21.40
CA THR A 386 27.94 -8.68 -22.10
C THR A 386 26.77 -8.43 -23.07
N ASP A 387 25.98 -7.39 -22.79
CA ASP A 387 24.88 -7.04 -23.69
C ASP A 387 24.56 -5.56 -23.56
N VAL A 388 23.96 -5.00 -24.61
CA VAL A 388 23.37 -3.68 -24.57
C VAL A 388 22.01 -3.81 -25.25
N ARG A 389 20.95 -3.52 -24.52
CA ARG A 389 19.60 -3.63 -25.07
C ARG A 389 18.76 -2.40 -24.74
N VAL A 390 17.81 -2.11 -25.63
CA VAL A 390 16.90 -0.98 -25.50
C VAL A 390 15.49 -1.41 -25.92
N CYS A 391 14.49 -0.94 -25.20
CA CYS A 391 13.10 -1.18 -25.54
C CYS A 391 12.31 -0.01 -24.99
N GLY A 392 11.79 0.83 -25.88
CA GLY A 392 11.11 2.07 -25.49
C GLY A 392 12.05 2.93 -24.67
N ALA A 393 11.56 3.56 -23.61
CA ALA A 393 12.44 4.40 -22.80
C ALA A 393 13.15 3.60 -21.70
N ILE A 394 13.60 2.40 -22.05
CA ILE A 394 14.42 1.55 -21.18
C ILE A 394 15.74 1.19 -21.84
N GLY A 395 16.85 1.59 -21.22
CA GLY A 395 18.19 1.33 -21.75
C GLY A 395 19.07 0.54 -20.80
N VAL A 396 19.68 -0.54 -21.28
CA VAL A 396 20.40 -1.44 -20.39
C VAL A 396 21.83 -1.78 -20.84
N ILE A 397 22.78 -1.54 -19.96
CA ILE A 397 24.10 -2.11 -20.12
C ILE A 397 24.25 -3.29 -19.15
N GLU A 398 24.29 -4.52 -19.70
CA GLU A 398 24.52 -5.73 -18.88
C GLU A 398 26.02 -6.05 -18.77
N CYS A 399 26.51 -6.01 -17.54
CA CYS A 399 27.91 -6.22 -17.26
C CYS A 399 28.20 -7.66 -16.87
N ASP A 400 29.49 -8.00 -16.89
CA ASP A 400 29.98 -9.34 -16.64
C ASP A 400 30.22 -9.61 -15.16
N ARG A 401 29.98 -8.60 -14.32
CA ARG A 401 30.11 -8.73 -12.86
C ARG A 401 29.14 -7.80 -12.10
N PRO A 402 28.83 -8.11 -10.83
CA PRO A 402 28.00 -7.15 -10.10
C PRO A 402 28.67 -5.81 -10.02
N VAL A 403 27.87 -4.75 -10.08
CA VAL A 403 28.36 -3.40 -10.10
C VAL A 403 28.48 -2.80 -8.70
N ASP A 404 29.68 -2.34 -8.38
CA ASP A 404 29.96 -1.79 -7.08
C ASP A 404 29.41 -0.37 -7.04
N LEU A 405 28.38 -0.16 -6.21
CA LEU A 405 27.75 1.15 -6.10
C LEU A 405 28.70 2.20 -5.54
N ALA A 406 29.62 1.81 -4.68
CA ALA A 406 30.57 2.76 -4.10
C ALA A 406 31.50 3.40 -5.17
N VAL A 407 31.66 2.73 -6.31
CA VAL A 407 32.41 3.27 -7.45
C VAL A 407 31.41 3.91 -8.44
N ALA A 408 30.34 3.18 -8.77
CA ALA A 408 29.38 3.64 -9.78
C ALA A 408 28.66 4.92 -9.45
N THR A 409 28.20 5.07 -8.20
CA THR A 409 27.35 6.21 -7.80
C THR A 409 28.11 7.56 -7.92
N PRO A 410 29.27 7.70 -7.26
CA PRO A 410 30.09 8.92 -7.42
C PRO A 410 30.49 9.22 -8.86
N ALA A 411 30.82 8.18 -9.63
CA ALA A 411 31.16 8.35 -11.02
C ALA A 411 30.02 9.00 -11.82
N ALA A 412 28.80 8.50 -11.63
CA ALA A 412 27.63 9.06 -12.31
C ALA A 412 27.34 10.48 -11.82
N LEU A 413 27.43 10.71 -10.51
CA LEU A 413 27.34 12.06 -9.94
C LEU A 413 28.34 13.06 -10.52
N ASP A 414 29.59 12.62 -10.67
CA ASP A 414 30.63 13.45 -11.29
C ASP A 414 30.21 13.94 -12.69
N ARG A 415 29.37 13.17 -13.38
CA ARG A 415 28.93 13.48 -14.72
CA ARG A 415 28.94 13.52 -14.72
C ARG A 415 27.51 14.07 -14.74
N GLY A 416 27.06 14.53 -13.57
CA GLY A 416 25.76 15.17 -13.45
C GLY A 416 24.56 14.28 -13.66
N VAL A 417 24.69 12.98 -13.33
CA VAL A 417 23.61 12.02 -13.53
C VAL A 417 23.35 11.19 -12.28
N TRP A 418 22.07 11.06 -11.91
CA TRP A 418 21.70 10.15 -10.86
C TRP A 418 21.44 8.78 -11.46
N LEU A 419 22.42 7.90 -11.40
CA LEU A 419 22.28 6.51 -11.82
C LEU A 419 22.36 5.59 -10.62
N ARG A 420 21.47 4.60 -10.58
CA ARG A 420 21.49 3.60 -9.50
C ARG A 420 21.51 2.20 -10.11
N PRO A 421 22.70 1.62 -10.27
CA PRO A 421 22.83 0.26 -10.79
C PRO A 421 22.19 -0.78 -9.88
N PHE A 422 21.83 -1.93 -10.45
CA PHE A 422 21.21 -3.01 -9.73
C PHE A 422 21.82 -4.32 -10.23
N ARG A 423 22.33 -5.13 -9.29
CA ARG A 423 23.13 -6.34 -9.60
C ARG A 423 24.21 -6.03 -10.68
N ASN A 424 24.07 -6.59 -11.88
CA ASN A 424 25.08 -6.36 -12.92
C ASN A 424 24.63 -5.43 -14.05
N LEU A 425 23.68 -4.55 -13.75
CA LEU A 425 23.06 -3.69 -14.76
C LEU A 425 23.35 -2.25 -14.46
N VAL A 426 23.90 -1.58 -15.46
CA VAL A 426 23.91 -0.13 -15.48
C VAL A 426 22.78 0.26 -16.45
N TYR A 427 21.66 0.71 -15.90
CA TYR A 427 20.45 0.89 -16.73
C TYR A 427 19.78 2.20 -16.41
N ALA A 428 18.88 2.60 -17.29
CA ALA A 428 18.18 3.85 -17.15
C ALA A 428 16.78 3.72 -17.64
N MET A 429 15.87 4.43 -16.98
N MET A 429 15.85 4.41 -16.96
CA MET A 429 14.52 4.62 -17.47
CA MET A 429 14.51 4.62 -17.48
C MET A 429 14.15 6.07 -17.27
C MET A 429 14.18 6.07 -17.26
N PRO A 430 14.67 6.97 -18.14
CA PRO A 430 14.52 8.42 -17.97
C PRO A 430 13.09 8.91 -18.11
N PRO A 431 12.82 10.11 -17.56
CA PRO A 431 11.55 10.75 -17.78
C PRO A 431 11.35 11.04 -19.27
N TYR A 432 10.08 11.03 -19.70
CA TYR A 432 9.74 11.27 -21.10
C TYR A 432 10.07 12.68 -21.57
N ILE A 433 10.11 13.64 -20.64
CA ILE A 433 10.41 15.05 -20.98
C ILE A 433 11.92 15.33 -21.22
N CYS A 434 12.76 14.29 -21.16
CA CYS A 434 14.18 14.44 -21.38
C CYS A 434 14.43 14.80 -22.85
N THR A 435 15.19 15.87 -23.07
CA THR A 435 15.56 16.34 -24.41
C THR A 435 16.63 15.41 -24.96
N PRO A 436 16.81 15.37 -26.30
CA PRO A 436 17.96 14.65 -26.87
C PRO A 436 19.30 14.88 -26.14
N ALA A 437 19.67 16.10 -25.81
CA ALA A 437 20.97 16.36 -25.15
C ALA A 437 21.07 15.73 -23.74
N GLU A 438 19.95 15.74 -23.02
CA GLU A 438 19.88 15.17 -21.68
C GLU A 438 20.00 13.64 -21.75
N ILE A 439 19.34 13.03 -22.73
CA ILE A 439 19.50 11.60 -22.98
C ILE A 439 20.95 11.19 -23.27
N THR A 440 21.62 12.04 -24.06
CA THR A 440 22.99 11.80 -24.44
C THR A 440 23.92 11.98 -23.23
N GLN A 441 23.59 12.93 -22.37
CA GLN A 441 24.33 13.07 -21.11
C GLN A 441 24.13 11.83 -20.22
N ILE A 442 22.92 11.29 -20.22
CA ILE A 442 22.62 10.06 -19.46
C ILE A 442 23.41 8.86 -19.97
N THR A 443 23.25 8.55 -21.25
CA THR A 443 23.97 7.42 -21.85
C THR A 443 25.49 7.58 -21.66
N SER A 444 26.02 8.78 -21.84
CA SER A 444 27.45 8.99 -21.71
CA SER A 444 27.47 9.00 -21.70
C SER A 444 27.95 8.65 -20.30
N ALA A 445 27.15 9.02 -19.28
CA ALA A 445 27.47 8.67 -17.91
C ALA A 445 27.38 7.17 -17.69
N MET A 446 26.43 6.52 -18.38
CA MET A 446 26.28 5.05 -18.29
C MET A 446 27.50 4.33 -18.90
N VAL A 447 27.98 4.82 -20.05
CA VAL A 447 29.13 4.23 -20.72
C VAL A 447 30.33 4.32 -19.77
N GLU A 448 30.55 5.51 -19.22
CA GLU A 448 31.67 5.75 -18.32
C GLU A 448 31.61 4.86 -17.07
N VAL A 449 30.40 4.59 -16.57
CA VAL A 449 30.24 3.69 -15.41
C VAL A 449 30.61 2.28 -15.83
N ALA A 450 30.12 1.86 -16.99
CA ALA A 450 30.46 0.52 -17.54
C ALA A 450 31.97 0.36 -17.76
N ARG A 451 32.64 1.41 -18.22
CA ARG A 451 34.09 1.41 -18.41
C ARG A 451 34.84 1.18 -17.09
N LEU A 452 34.39 1.85 -16.03
CA LEU A 452 34.98 1.72 -14.69
C LEU A 452 34.78 0.35 -14.03
N VAL A 453 33.70 -0.32 -14.41
CA VAL A 453 33.40 -1.65 -13.93
C VAL A 453 34.47 -2.61 -14.46
N GLY A 454 34.87 -2.39 -15.72
CA GLY A 454 35.95 -3.15 -16.37
C GLY A 454 37.37 -2.95 -15.84
N SER A 455 37.51 -2.30 -14.67
CA SER A 455 38.80 -2.09 -13.99
C SER A 455 38.64 -1.98 -12.48
N LEU B 28 -17.42 16.02 -14.73
CA LEU B 28 -18.59 15.09 -14.59
C LEU B 28 -19.65 15.54 -13.56
N THR B 29 -20.92 15.32 -13.91
CA THR B 29 -22.04 15.58 -12.98
C THR B 29 -22.24 14.39 -12.01
N PRO B 30 -22.86 14.66 -10.84
CA PRO B 30 -23.24 13.55 -9.93
C PRO B 30 -23.97 12.36 -10.58
N GLU B 31 -24.90 12.62 -11.52
N GLU B 31 -24.86 12.67 -11.52
CA GLU B 31 -25.60 11.55 -12.23
CA GLU B 31 -25.63 11.68 -12.26
C GLU B 31 -24.64 10.73 -13.09
C GLU B 31 -24.70 10.79 -13.13
N GLN B 32 -23.71 11.42 -13.76
CA GLN B 32 -22.72 10.73 -14.58
C GLN B 32 -21.72 9.95 -13.73
N ILE B 33 -21.41 10.49 -12.54
CA ILE B 33 -20.53 9.84 -11.58
C ILE B 33 -21.13 8.51 -11.11
N ILE B 34 -22.42 8.53 -10.77
CA ILE B 34 -23.14 7.33 -10.37
C ILE B 34 -23.05 6.24 -11.44
N ALA B 35 -23.27 6.63 -12.69
CA ALA B 35 -23.34 5.70 -13.82
C ALA B 35 -21.99 5.04 -14.14
N VAL B 36 -20.93 5.84 -14.23
CA VAL B 36 -19.54 5.34 -14.38
C VAL B 36 -19.14 4.46 -13.18
N ASP B 37 -19.39 4.97 -11.97
CA ASP B 37 -19.18 4.20 -10.75
C ASP B 37 -19.82 2.81 -10.78
N GLY B 38 -21.13 2.73 -11.07
CA GLY B 38 -21.84 1.43 -11.09
C GLY B 38 -21.33 0.47 -12.16
N ALA B 39 -20.85 0.99 -13.29
CA ALA B 39 -20.32 0.10 -14.32
C ALA B 39 -18.86 -0.28 -14.05
N HIS B 40 -18.05 0.62 -13.49
CA HIS B 40 -16.58 0.46 -13.51
C HIS B 40 -15.84 0.43 -12.19
N LEU B 41 -16.48 0.83 -11.08
CA LEU B 41 -15.76 0.96 -9.81
C LEU B 41 -16.07 -0.11 -8.76
N TRP B 42 -15.03 -0.85 -8.37
CA TRP B 42 -15.11 -1.60 -7.12
C TRP B 42 -15.05 -0.67 -5.94
N HIS B 43 -15.64 -1.11 -4.84
CA HIS B 43 -15.58 -0.40 -3.56
C HIS B 43 -15.15 -1.39 -2.51
N PRO B 44 -14.91 -0.91 -1.28
CA PRO B 44 -14.47 -1.81 -0.21
C PRO B 44 -15.41 -2.99 -0.04
N TYR B 45 -14.89 -4.22 -0.05
CA TYR B 45 -15.75 -5.39 0.17
C TYR B 45 -17.09 -5.38 -0.56
N SER B 46 -17.11 -4.86 -1.79
CA SER B 46 -18.34 -4.63 -2.51
C SER B 46 -18.41 -5.49 -3.75
N SER B 47 -19.49 -5.30 -4.50
CA SER B 47 -19.72 -6.00 -5.76
CA SER B 47 -19.74 -6.00 -5.76
C SER B 47 -19.69 -5.04 -6.93
N ILE B 48 -19.83 -5.60 -8.14
CA ILE B 48 -20.16 -4.85 -9.34
C ILE B 48 -21.56 -5.31 -9.73
N GLY B 49 -22.49 -4.37 -9.92
CA GLY B 49 -23.82 -4.67 -10.48
C GLY B 49 -24.85 -5.36 -9.58
N ARG B 50 -24.47 -5.62 -8.31
CA ARG B 50 -25.33 -6.31 -7.34
C ARG B 50 -25.38 -5.61 -6.00
N GLU B 51 -25.04 -4.32 -6.00
CA GLU B 51 -25.01 -3.51 -4.79
C GLU B 51 -26.41 -3.28 -4.24
N ALA B 52 -26.58 -3.67 -2.97
CA ALA B 52 -27.82 -3.47 -2.22
C ALA B 52 -28.26 -2.03 -2.37
N VAL B 53 -27.42 -1.11 -1.90
CA VAL B 53 -27.77 0.30 -1.99
C VAL B 53 -27.18 0.90 -3.26
N SER B 54 -26.13 1.70 -3.13
CA SER B 54 -25.64 2.57 -4.21
C SER B 54 -24.93 3.73 -3.53
N PRO B 55 -23.63 3.92 -3.80
CA PRO B 55 -22.83 4.92 -3.07
C PRO B 55 -23.33 6.34 -3.28
N VAL B 56 -23.16 7.19 -2.27
CA VAL B 56 -23.55 8.60 -2.34
C VAL B 56 -22.34 9.38 -2.83
N VAL B 57 -22.57 10.30 -3.77
CA VAL B 57 -21.51 11.14 -4.34
C VAL B 57 -21.06 12.17 -3.31
N ALA B 58 -19.76 12.25 -3.05
CA ALA B 58 -19.19 13.30 -2.19
C ALA B 58 -18.58 14.33 -3.12
N VAL B 59 -18.73 15.61 -2.79
CA VAL B 59 -18.20 16.65 -3.69
C VAL B 59 -17.27 17.62 -2.96
N ALA B 60 -17.35 17.64 -1.63
CA ALA B 60 -16.48 18.51 -0.83
C ALA B 60 -16.27 17.91 0.54
N ALA B 61 -15.16 18.26 1.18
CA ALA B 61 -14.93 17.94 2.59
C ALA B 61 -14.19 19.12 3.21
N HIS B 62 -14.71 19.65 4.32
CA HIS B 62 -14.01 20.73 5.03
C HIS B 62 -14.23 20.57 6.51
N GLY B 63 -13.16 20.74 7.28
CA GLY B 63 -13.23 20.47 8.72
C GLY B 63 -13.93 19.15 8.99
N ALA B 64 -14.95 19.19 9.84
CA ALA B 64 -15.62 17.96 10.26
C ALA B 64 -16.80 17.54 9.36
N TRP B 65 -16.96 18.26 8.25
CA TRP B 65 -18.12 18.10 7.38
C TRP B 65 -17.76 17.65 5.98
N LEU B 66 -18.60 16.77 5.46
CA LEU B 66 -18.58 16.39 4.06
C LEU B 66 -19.73 17.09 3.38
N THR B 67 -19.61 17.34 2.08
CA THR B 67 -20.75 17.78 1.31
C THR B 67 -21.10 16.62 0.39
N LEU B 68 -22.32 16.11 0.55
CA LEU B 68 -22.78 14.93 -0.17
C LEU B 68 -24.02 15.26 -0.99
N ILE B 69 -24.27 14.45 -2.02
CA ILE B 69 -25.40 14.65 -2.93
C ILE B 69 -26.57 13.71 -2.64
N ARG B 70 -27.65 14.26 -2.09
CA ARG B 70 -28.87 13.51 -1.80
C ARG B 70 -30.05 14.11 -2.56
N ASP B 71 -30.76 13.27 -3.30
CA ASP B 71 -31.84 13.70 -4.20
C ASP B 71 -31.34 14.72 -5.22
N GLY B 72 -30.04 14.67 -5.54
CA GLY B 72 -29.46 15.64 -6.46
C GLY B 72 -29.05 16.97 -5.85
N GLN B 73 -29.18 17.13 -4.52
CA GLN B 73 -28.78 18.40 -3.87
C GLN B 73 -27.61 18.25 -2.92
N PRO B 74 -26.70 19.24 -2.91
CA PRO B 74 -25.60 19.20 -1.94
C PRO B 74 -26.12 19.45 -0.52
N ILE B 75 -25.66 18.65 0.43
CA ILE B 75 -26.00 18.82 1.83
C ILE B 75 -24.71 18.63 2.64
N GLU B 76 -24.51 19.44 3.69
CA GLU B 76 -23.38 19.28 4.61
C GLU B 76 -23.76 18.21 5.61
N VAL B 77 -22.88 17.24 5.83
CA VAL B 77 -23.10 16.30 6.94
C VAL B 77 -21.83 16.07 7.74
N LEU B 78 -22.00 15.76 9.02
CA LEU B 78 -20.87 15.46 9.88
C LEU B 78 -20.17 14.15 9.52
N ASP B 79 -18.85 14.18 9.50
CA ASP B 79 -18.05 12.98 9.25
C ASP B 79 -17.87 12.20 10.54
N ALA B 80 -18.92 11.52 11.00
CA ALA B 80 -18.84 10.79 12.26
C ALA B 80 -17.79 9.68 12.21
N MET B 81 -17.41 9.26 11.01
CA MET B 81 -16.50 8.14 10.85
C MET B 81 -15.05 8.57 10.72
N SER B 82 -14.81 9.87 10.68
CA SER B 82 -13.47 10.39 10.33
C SER B 82 -12.94 9.79 9.01
N SER B 83 -13.84 9.43 8.10
CA SER B 83 -13.45 8.84 6.81
C SER B 83 -12.55 7.63 7.06
N TRP B 84 -13.17 6.62 7.67
CA TRP B 84 -12.52 5.38 8.07
C TRP B 84 -11.30 5.61 8.96
N TRP B 85 -11.51 6.39 10.03
CA TRP B 85 -10.61 6.59 11.15
CA TRP B 85 -10.52 6.49 11.11
C TRP B 85 -9.38 7.42 10.84
N THR B 86 -9.44 8.18 9.76
CA THR B 86 -8.26 8.91 9.26
C THR B 86 -8.22 10.40 9.58
N ALA B 87 -9.39 11.06 9.51
CA ALA B 87 -9.48 12.54 9.56
C ALA B 87 -9.36 13.20 10.95
N ILE B 88 -8.36 12.82 11.72
CA ILE B 88 -8.31 13.26 13.12
C ILE B 88 -8.39 14.78 13.28
N HIS B 89 -7.77 15.53 12.39
CA HIS B 89 -7.77 17.00 12.48
C HIS B 89 -8.82 17.63 11.62
N GLY B 90 -9.71 16.82 11.06
CA GLY B 90 -10.68 17.28 10.08
C GLY B 90 -10.08 17.43 8.70
N HIS B 91 -10.94 17.56 7.70
CA HIS B 91 -10.49 17.70 6.31
C HIS B 91 -10.07 19.11 6.07
N GLY B 92 -9.16 19.32 5.13
CA GLY B 92 -8.82 20.70 4.72
C GLY B 92 -8.40 21.61 5.86
N HIS B 93 -7.75 21.04 6.87
CA HIS B 93 -7.11 21.79 7.92
C HIS B 93 -6.03 22.64 7.34
N PRO B 94 -6.06 23.96 7.56
CA PRO B 94 -5.12 24.91 6.92
C PRO B 94 -3.65 24.57 7.16
N ALA B 95 -3.29 24.12 8.36
CA ALA B 95 -1.90 23.78 8.64
C ALA B 95 -1.43 22.57 7.80
N LEU B 96 -2.34 21.66 7.47
CA LEU B 96 -1.94 20.46 6.73
C LEU B 96 -1.96 20.69 5.21
N ASP B 97 -2.92 21.46 4.72
CA ASP B 97 -2.89 21.92 3.32
C ASP B 97 -1.58 22.65 3.01
N GLN B 98 -1.16 23.54 3.92
CA GLN B 98 0.08 24.30 3.73
C GLN B 98 1.34 23.44 3.79
N ALA B 99 1.42 22.55 4.77
CA ALA B 99 2.50 21.58 4.81
C ALA B 99 2.62 20.87 3.47
N LEU B 100 1.51 20.43 2.91
CA LEU B 100 1.49 19.74 1.62
C LEU B 100 1.94 20.65 0.47
N THR B 101 1.39 21.85 0.40
CA THR B 101 1.73 22.80 -0.67
C THR B 101 3.19 23.24 -0.61
N THR B 102 3.68 23.53 0.59
CA THR B 102 5.08 23.86 0.79
C THR B 102 5.96 22.77 0.17
N GLN B 103 5.73 21.52 0.55
CA GLN B 103 6.57 20.43 0.07
C GLN B 103 6.46 20.28 -1.41
N LEU B 104 5.23 20.45 -1.92
CA LEU B 104 4.96 20.27 -3.34
C LEU B 104 5.85 21.19 -4.19
N ARG B 105 6.06 22.43 -3.76
CA ARG B 105 6.84 23.41 -4.53
C ARG B 105 8.33 23.11 -4.56
N VAL B 106 8.78 22.23 -3.68
CA VAL B 106 10.20 21.96 -3.49
C VAL B 106 10.63 20.58 -4.04
N MET B 107 9.91 19.53 -3.66
CA MET B 107 10.26 18.15 -4.02
C MET B 107 9.06 17.24 -3.76
N ASN B 108 8.42 16.76 -4.81
CA ASN B 108 7.26 15.84 -4.68
C ASN B 108 7.62 14.44 -4.16
N HIS B 109 8.67 13.86 -4.72
CA HIS B 109 9.10 12.48 -4.48
C HIS B 109 10.45 12.24 -5.12
N VAL B 110 11.33 11.56 -4.41
CA VAL B 110 12.55 10.97 -4.98
C VAL B 110 12.57 9.54 -4.45
N MET B 111 13.22 8.62 -5.17
CA MET B 111 13.35 7.25 -4.70
C MET B 111 14.15 7.19 -3.40
N PHE B 112 13.77 6.29 -2.51
CA PHE B 112 14.42 6.17 -1.19
C PHE B 112 15.64 5.25 -1.28
N GLY B 113 15.83 4.62 -2.45
CA GLY B 113 17.01 3.79 -2.68
C GLY B 113 18.19 4.66 -3.09
N GLY B 114 19.16 4.80 -2.19
CA GLY B 114 20.35 5.62 -2.45
C GLY B 114 20.18 7.06 -1.99
N LEU B 115 18.95 7.44 -1.68
CA LEU B 115 18.70 8.83 -1.28
C LEU B 115 17.92 8.92 0.03
N THR B 116 18.11 10.05 0.71
CA THR B 116 17.28 10.39 1.86
C THR B 116 16.81 11.84 1.74
N HIS B 117 16.01 12.31 2.70
CA HIS B 117 15.46 13.65 2.61
C HIS B 117 14.87 14.14 3.89
N GLU B 118 14.67 15.45 3.96
CA GLU B 118 14.20 16.09 5.18
C GLU B 118 12.85 15.58 5.74
N PRO B 119 11.81 15.50 4.90
CA PRO B 119 10.54 14.97 5.45
C PRO B 119 10.67 13.56 6.08
N ALA B 120 11.38 12.64 5.43
CA ALA B 120 11.58 11.31 6.04
C ALA B 120 12.31 11.38 7.40
N ALA B 121 13.36 12.18 7.44
CA ALA B 121 14.16 12.38 8.66
C ALA B 121 13.30 12.99 9.78
N ARG B 122 12.60 14.07 9.44
CA ARG B 122 11.82 14.78 10.44
C ARG B 122 10.79 13.86 11.06
N LEU B 123 10.11 13.09 10.21
CA LEU B 123 9.02 12.24 10.69
C LEU B 123 9.56 11.06 11.50
N ALA B 124 10.64 10.44 11.01
CA ALA B 124 11.29 9.36 11.74
C ALA B 124 11.69 9.78 13.15
N LYS B 125 12.16 11.02 13.30
CA LYS B 125 12.56 11.51 14.62
C LYS B 125 11.35 11.68 15.54
N LEU B 126 10.26 12.25 15.02
CA LEU B 126 9.05 12.38 15.81
C LEU B 126 8.57 11.02 16.27
N LEU B 127 8.41 10.10 15.33
CA LEU B 127 7.87 8.78 15.60
C LEU B 127 8.73 8.03 16.64
N VAL B 128 10.04 8.03 16.46
CA VAL B 128 10.95 7.43 17.43
C VAL B 128 10.79 8.03 18.86
N ASP B 129 10.51 9.32 18.90
CA ASP B 129 10.43 10.05 20.16
C ASP B 129 9.11 9.86 20.88
N ILE B 130 8.02 9.73 20.13
CA ILE B 130 6.67 9.74 20.72
C ILE B 130 6.04 8.35 20.91
N THR B 131 6.62 7.34 20.29
CA THR B 131 6.14 5.96 20.40
C THR B 131 6.69 5.37 21.70
N PRO B 132 6.10 4.26 22.18
CA PRO B 132 6.62 3.68 23.42
C PRO B 132 8.13 3.49 23.39
N ALA B 133 8.73 3.50 24.59
CA ALA B 133 10.19 3.46 24.75
C ALA B 133 10.83 2.31 23.99
N GLY B 134 11.93 2.61 23.30
CA GLY B 134 12.75 1.60 22.63
C GLY B 134 12.47 1.31 21.17
N LEU B 135 11.51 1.99 20.55
CA LEU B 135 11.27 1.76 19.13
C LEU B 135 12.08 2.77 18.31
N ASP B 136 13.23 2.32 17.83
CA ASP B 136 14.32 3.18 17.37
C ASP B 136 14.51 3.27 15.86
N THR B 137 13.86 2.39 15.12
CA THR B 137 14.02 2.39 13.67
C THR B 137 12.64 2.41 12.98
N VAL B 138 12.59 3.03 11.80
CA VAL B 138 11.32 3.25 11.10
C VAL B 138 11.41 2.78 9.65
N PHE B 139 10.46 1.95 9.25
CA PHE B 139 10.38 1.45 7.88
C PHE B 139 9.04 1.94 7.34
N PHE B 140 9.08 2.93 6.43
CA PHE B 140 7.86 3.52 5.84
C PHE B 140 7.34 2.63 4.75
N SER B 141 6.01 2.58 4.66
CA SER B 141 5.36 1.92 3.53
C SER B 141 4.11 2.69 3.17
N ASP B 142 3.31 2.13 2.27
CA ASP B 142 2.19 2.84 1.67
C ASP B 142 0.82 2.52 2.27
N SER B 143 0.73 1.50 3.13
CA SER B 143 -0.54 1.14 3.72
C SER B 143 -0.42 0.29 4.97
N GLY B 144 -1.46 0.28 5.79
CA GLY B 144 -1.52 -0.53 7.00
C GLY B 144 -1.23 -2.01 6.75
N SER B 145 -1.89 -2.59 5.74
CA SER B 145 -1.65 -4.01 5.42
C SER B 145 -0.17 -4.30 5.15
N VAL B 146 0.45 -3.47 4.29
CA VAL B 146 1.87 -3.61 3.97
C VAL B 146 2.72 -3.48 5.22
N SER B 147 2.37 -2.54 6.10
CA SER B 147 3.16 -2.36 7.32
C SER B 147 3.08 -3.61 8.22
N VAL B 148 1.94 -4.31 8.16
CA VAL B 148 1.74 -5.58 8.91
C VAL B 148 2.64 -6.72 8.34
N GLU B 149 2.66 -6.84 7.02
CA GLU B 149 3.51 -7.81 6.34
C GLU B 149 5.00 -7.51 6.60
N VAL B 150 5.35 -6.22 6.69
CA VAL B 150 6.71 -5.80 6.99
C VAL B 150 7.04 -6.23 8.43
N ALA B 151 6.06 -6.10 9.32
CA ALA B 151 6.23 -6.43 10.73
C ALA B 151 6.54 -7.90 10.86
N ALA B 152 5.71 -8.73 10.21
CA ALA B 152 5.89 -10.17 10.20
C ALA B 152 7.23 -10.52 9.58
N LYS B 153 7.60 -9.82 8.50
CA LYS B 153 8.86 -10.11 7.85
C LYS B 153 10.02 -9.76 8.81
N MET B 154 9.94 -8.62 9.48
CA MET B 154 10.87 -8.32 10.58
C MET B 154 11.01 -9.48 11.61
N ALA B 155 9.89 -9.98 12.11
CA ALA B 155 9.88 -11.06 13.08
C ALA B 155 10.55 -12.33 12.51
N LEU B 156 10.16 -12.70 11.29
CA LEU B 156 10.68 -13.90 10.66
C LEU B 156 12.17 -13.80 10.40
N GLN B 157 12.64 -12.68 9.84
CA GLN B 157 14.09 -12.48 9.63
C GLN B 157 14.91 -12.39 10.91
N TYR B 158 14.32 -11.78 11.94
CA TYR B 158 14.92 -11.71 13.25
C TYR B 158 15.37 -13.11 13.71
N TRP B 159 14.45 -14.08 13.73
CA TRP B 159 14.77 -15.42 14.21
C TRP B 159 15.66 -16.22 13.30
N ARG B 160 15.56 -15.97 11.99
CA ARG B 160 16.52 -16.56 11.05
C ARG B 160 17.91 -16.03 11.35
N GLY B 161 17.99 -14.75 11.69
CA GLY B 161 19.22 -14.15 12.17
C GLY B 161 19.76 -14.78 13.44
N ARG B 162 18.87 -15.08 14.40
CA ARG B 162 19.28 -15.75 15.65
C ARG B 162 19.54 -17.25 15.48
N GLY B 163 19.45 -17.79 14.27
CA GLY B 163 19.60 -19.23 13.99
C GLY B 163 18.43 -20.12 14.42
N LEU B 164 17.21 -19.61 14.33
CA LEU B 164 16.04 -20.40 14.73
C LEU B 164 14.91 -20.28 13.68
N PRO B 165 15.16 -20.72 12.45
CA PRO B 165 14.21 -20.63 11.32
C PRO B 165 12.85 -21.31 11.53
N GLY B 166 12.78 -22.23 12.48
CA GLY B 166 11.52 -22.90 12.86
C GLY B 166 10.50 -21.97 13.51
N LYS B 167 10.99 -20.87 14.10
CA LYS B 167 10.12 -19.86 14.67
C LYS B 167 9.54 -18.97 13.57
N ARG B 168 8.44 -19.42 12.97
CA ARG B 168 7.89 -18.75 11.78
C ARG B 168 6.36 -18.50 11.79
N ARG B 169 5.64 -19.17 12.69
CA ARG B 169 4.21 -18.99 12.85
C ARG B 169 3.91 -17.76 13.68
N LEU B 170 2.68 -17.25 13.54
CA LEU B 170 2.24 -16.10 14.35
C LEU B 170 1.13 -16.52 15.30
N MET B 171 1.05 -15.84 16.44
CA MET B 171 -0.04 -16.06 17.37
C MET B 171 -0.80 -14.76 17.63
N THR B 172 -2.11 -14.88 17.74
CA THR B 172 -2.98 -13.77 18.11
C THR B 172 -4.17 -14.28 18.93
N TRP B 173 -4.96 -13.35 19.46
CA TRP B 173 -6.23 -13.72 20.06
C TRP B 173 -7.32 -13.44 19.08
N ARG B 174 -8.50 -14.04 19.28
CA ARG B 174 -9.62 -13.86 18.35
C ARG B 174 -10.21 -12.44 18.41
N GLY B 175 -10.96 -12.07 17.38
CA GLY B 175 -11.62 -10.77 17.31
C GLY B 175 -10.87 -9.66 16.57
N GLY B 176 -9.64 -9.99 16.12
CA GLY B 176 -8.72 -8.97 15.60
C GLY B 176 -8.93 -8.69 14.14
N TYR B 177 -8.42 -7.54 13.68
CA TYR B 177 -8.29 -7.27 12.25
C TYR B 177 -6.91 -6.64 11.97
N HIS B 178 -6.27 -7.10 10.89
CA HIS B 178 -4.91 -6.66 10.52
C HIS B 178 -4.70 -6.32 9.07
N GLY B 179 -5.77 -6.35 8.27
CA GLY B 179 -5.65 -5.94 6.88
C GLY B 179 -6.02 -7.03 5.90
N ASP B 180 -5.83 -6.75 4.63
CA ASP B 180 -6.48 -7.53 3.58
C ASP B 180 -5.49 -8.35 2.73
N THR B 181 -4.21 -8.06 2.85
CA THR B 181 -3.20 -8.82 2.11
C THR B 181 -3.11 -10.22 2.71
N PHE B 182 -2.70 -11.19 1.92
CA PHE B 182 -2.76 -12.57 2.36
C PHE B 182 -2.13 -12.99 3.69
N LEU B 183 -0.95 -12.45 4.03
CA LEU B 183 -0.36 -12.79 5.32
C LEU B 183 -1.18 -12.10 6.42
N ALA B 184 -1.53 -10.83 6.22
CA ALA B 184 -2.38 -10.09 7.20
C ALA B 184 -3.72 -10.78 7.46
N MET B 185 -4.33 -11.30 6.41
CA MET B 185 -5.57 -12.01 6.52
C MET B 185 -5.44 -13.23 7.46
N SER B 186 -4.24 -13.81 7.52
CA SER B 186 -4.07 -15.06 8.26
C SER B 186 -4.21 -14.91 9.79
N ILE B 187 -4.09 -13.67 10.28
CA ILE B 187 -4.17 -13.38 11.72
C ILE B 187 -5.41 -12.54 12.04
N CYS B 188 -6.21 -12.28 11.01
CA CYS B 188 -7.56 -11.72 11.14
CA CYS B 188 -7.52 -11.68 11.19
C CYS B 188 -8.48 -12.75 11.79
N ASP B 189 -9.44 -12.30 12.60
CA ASP B 189 -10.44 -13.19 13.22
C ASP B 189 -11.00 -14.17 12.16
N PRO B 190 -11.05 -15.50 12.45
CA PRO B 190 -11.57 -16.37 11.37
C PRO B 190 -13.02 -16.13 10.86
N HIS B 191 -13.90 -15.55 11.69
CA HIS B 191 -15.24 -15.16 11.20
C HIS B 191 -15.27 -13.78 10.57
N GLY B 192 -14.65 -12.80 11.23
CA GLY B 192 -14.51 -11.45 10.70
C GLY B 192 -13.89 -11.48 9.31
N GLY B 193 -12.81 -12.23 9.19
CA GLY B 193 -12.05 -12.33 7.93
C GLY B 193 -12.48 -13.44 6.98
N MET B 194 -13.57 -14.13 7.33
CA MET B 194 -14.21 -15.12 6.46
C MET B 194 -13.28 -16.23 6.00
N HIS B 195 -12.62 -16.88 6.96
CA HIS B 195 -11.63 -17.89 6.63
C HIS B 195 -12.20 -19.08 5.87
N SER B 196 -13.52 -19.30 5.99
CA SER B 196 -14.22 -20.37 5.27
C SER B 196 -14.10 -20.28 3.74
N LEU B 197 -14.06 -19.05 3.24
CA LEU B 197 -13.90 -18.80 1.81
C LEU B 197 -12.46 -19.07 1.38
N TRP B 198 -11.59 -19.33 2.34
CA TRP B 198 -10.15 -19.38 2.09
C TRP B 198 -9.48 -20.65 2.57
N THR B 199 -10.25 -21.72 2.68
CA THR B 199 -9.71 -23.01 3.13
C THR B 199 -8.65 -23.50 2.16
N ASP B 200 -7.47 -23.81 2.72
CA ASP B 200 -6.31 -24.30 1.97
C ASP B 200 -5.37 -23.22 1.45
N VAL B 201 -5.78 -21.96 1.53
CA VAL B 201 -4.89 -20.91 0.98
CA VAL B 201 -5.03 -20.81 0.96
C VAL B 201 -4.12 -20.05 1.95
N LEU B 202 -4.58 -19.89 3.19
CA LEU B 202 -3.92 -19.04 4.17
C LEU B 202 -2.97 -19.83 5.05
N ALA B 203 -1.95 -19.17 5.59
CA ALA B 203 -1.15 -19.79 6.63
C ALA B 203 -2.05 -20.10 7.84
N ALA B 204 -1.82 -21.27 8.44
CA ALA B 204 -2.55 -21.67 9.63
C ALA B 204 -1.82 -21.08 10.85
N GLN B 205 -2.45 -20.12 11.52
CA GLN B 205 -1.81 -19.43 12.64
C GLN B 205 -2.41 -19.89 13.97
N VAL B 206 -1.81 -19.46 15.07
CA VAL B 206 -2.26 -19.90 16.38
C VAL B 206 -3.20 -18.84 16.97
N PHE B 207 -4.45 -19.25 17.20
CA PHE B 207 -5.49 -18.38 17.76
C PHE B 207 -5.90 -18.72 19.19
N ALA B 208 -5.66 -17.77 20.09
CA ALA B 208 -6.29 -17.81 21.41
C ALA B 208 -7.76 -17.38 21.33
N PRO B 209 -8.54 -17.74 22.38
CA PRO B 209 -9.92 -17.25 22.55
C PRO B 209 -10.03 -15.70 22.54
N GLN B 210 -11.25 -15.22 22.29
CA GLN B 210 -11.58 -13.80 22.33
C GLN B 210 -11.13 -13.16 23.65
N VAL B 211 -10.41 -12.04 23.59
CA VAL B 211 -9.97 -11.37 24.81
C VAL B 211 -11.16 -10.64 25.45
N PRO B 212 -11.41 -10.87 26.76
CA PRO B 212 -12.64 -10.27 27.35
C PRO B 212 -12.47 -8.80 27.68
N ARG B 213 -13.58 -8.12 27.92
CA ARG B 213 -13.58 -6.71 28.36
CA ARG B 213 -13.54 -6.71 28.34
C ARG B 213 -12.85 -6.55 29.70
N ASP B 214 -13.37 -7.21 30.73
CA ASP B 214 -12.82 -7.05 32.09
C ASP B 214 -11.63 -7.96 32.31
N TYR B 215 -10.72 -7.51 33.18
CA TYR B 215 -9.48 -8.23 33.42
C TYR B 215 -9.68 -9.53 34.20
N ASP B 216 -9.28 -10.65 33.59
CA ASP B 216 -9.35 -11.97 34.20
C ASP B 216 -7.99 -12.63 34.08
N PRO B 217 -7.29 -12.78 35.22
CA PRO B 217 -5.92 -13.32 35.20
C PRO B 217 -5.91 -14.72 34.63
N ALA B 218 -7.05 -15.43 34.74
CA ALA B 218 -7.13 -16.80 34.21
C ALA B 218 -7.02 -16.83 32.68
N TYR B 219 -7.51 -15.79 32.01
CA TYR B 219 -7.35 -15.69 30.57
C TYR B 219 -5.88 -15.58 30.18
N SER B 220 -5.12 -14.70 30.86
CA SER B 220 -3.68 -14.57 30.62
C SER B 220 -2.95 -15.87 30.87
N ALA B 221 -3.30 -16.58 31.95
CA ALA B 221 -2.68 -17.88 32.26
C ALA B 221 -2.92 -18.90 31.15
N ALA B 222 -4.15 -18.94 30.64
CA ALA B 222 -4.52 -19.84 29.55
C ALA B 222 -3.80 -19.42 28.25
N PHE B 223 -3.70 -18.12 28.02
CA PHE B 223 -2.97 -17.61 26.86
C PHE B 223 -1.51 -18.07 26.90
N GLU B 224 -0.87 -17.91 28.06
CA GLU B 224 0.50 -18.38 28.28
C GLU B 224 0.65 -19.90 28.06
N ALA B 225 -0.29 -20.70 28.57
CA ALA B 225 -0.14 -22.15 28.43
C ALA B 225 -0.22 -22.54 26.95
N GLN B 226 -1.18 -21.94 26.23
CA GLN B 226 -1.29 -22.18 24.79
C GLN B 226 -0.01 -21.73 24.08
N LEU B 227 0.50 -20.53 24.41
CA LEU B 227 1.72 -20.05 23.79
C LEU B 227 2.89 -20.98 24.09
N ALA B 228 2.98 -21.45 25.34
CA ALA B 228 4.15 -22.22 25.80
C ALA B 228 4.41 -23.48 24.97
N GLN B 229 3.33 -24.12 24.53
CA GLN B 229 3.48 -25.36 23.79
C GLN B 229 3.77 -25.09 22.30
N HIS B 230 3.66 -23.83 21.86
CA HIS B 230 3.98 -23.45 20.49
C HIS B 230 5.25 -22.63 20.34
N ALA B 231 5.92 -22.32 21.44
CA ALA B 231 6.93 -21.25 21.44
C ALA B 231 8.08 -21.50 20.48
N GLY B 232 8.51 -22.76 20.42
CA GLY B 232 9.57 -23.20 19.52
C GLY B 232 9.19 -22.96 18.07
N GLU B 233 7.92 -22.68 17.79
CA GLU B 233 7.52 -22.41 16.40
C GLU B 233 6.83 -21.04 16.15
N LEU B 234 6.86 -20.15 17.13
CA LEU B 234 6.25 -18.85 16.96
C LEU B 234 7.31 -17.79 16.85
N ALA B 235 7.21 -17.00 15.78
CA ALA B 235 8.01 -15.81 15.65
C ALA B 235 7.50 -14.72 16.59
N ALA B 236 6.18 -14.53 16.64
CA ALA B 236 5.59 -13.35 17.29
C ALA B 236 4.13 -13.50 17.66
N VAL B 237 3.74 -12.76 18.69
CA VAL B 237 2.35 -12.48 19.03
C VAL B 237 2.00 -11.14 18.41
N VAL B 238 0.90 -11.09 17.68
CA VAL B 238 0.44 -9.84 17.05
C VAL B 238 -0.95 -9.49 17.54
N VAL B 239 -1.13 -8.30 18.13
CA VAL B 239 -2.48 -7.89 18.63
C VAL B 239 -2.77 -6.43 18.39
N GLU B 240 -4.06 -6.08 18.33
CA GLU B 240 -4.44 -4.68 18.44
C GLU B 240 -4.56 -4.36 19.93
N PRO B 241 -3.80 -3.36 20.41
CA PRO B 241 -3.86 -3.08 21.85
C PRO B 241 -5.09 -2.28 22.30
N VAL B 242 -5.73 -2.74 23.37
CA VAL B 242 -6.83 -2.03 24.01
C VAL B 242 -8.12 -2.07 23.19
N VAL B 243 -8.03 -1.67 21.92
CA VAL B 243 -9.22 -1.63 21.05
C VAL B 243 -9.02 -2.46 19.79
N GLN B 244 -9.92 -3.41 19.59
CA GLN B 244 -10.01 -4.17 18.36
C GLN B 244 -11.06 -3.46 17.49
N GLY B 245 -10.64 -2.93 16.34
CA GLY B 245 -11.53 -2.13 15.46
C GLY B 245 -12.43 -2.88 14.51
N ALA B 246 -11.93 -3.15 13.31
CA ALA B 246 -12.77 -3.70 12.25
C ALA B 246 -13.30 -5.10 12.54
N GLY B 247 -12.74 -5.74 13.58
CA GLY B 247 -13.21 -7.05 14.02
C GLY B 247 -14.39 -7.00 14.98
N GLY B 248 -14.85 -5.80 15.37
CA GLY B 248 -16.06 -5.69 16.18
C GLY B 248 -16.10 -4.61 17.25
N MET B 249 -15.15 -3.67 17.20
CA MET B 249 -15.06 -2.56 18.13
C MET B 249 -15.18 -3.02 19.60
N ARG B 250 -14.34 -3.99 19.98
CA ARG B 250 -14.28 -4.42 21.38
C ARG B 250 -13.09 -3.81 22.10
N PHE B 251 -13.32 -3.48 23.38
CA PHE B 251 -12.31 -2.91 24.23
C PHE B 251 -11.91 -3.98 25.23
N HIS B 252 -10.64 -3.96 25.65
CA HIS B 252 -10.19 -4.83 26.74
C HIS B 252 -9.32 -4.12 27.71
N ASP B 253 -9.21 -4.66 28.91
CA ASP B 253 -8.39 -4.07 29.96
C ASP B 253 -6.91 -3.99 29.55
N PRO B 254 -6.29 -2.80 29.66
CA PRO B 254 -4.89 -2.62 29.30
C PRO B 254 -3.93 -3.63 29.94
N ARG B 255 -4.31 -4.17 31.11
N ARG B 255 -4.29 -4.16 31.13
CA ARG B 255 -3.46 -5.10 31.86
CA ARG B 255 -3.43 -5.11 31.86
C ARG B 255 -3.21 -6.45 31.14
C ARG B 255 -3.13 -6.38 31.05
N TYR B 256 -4.01 -6.73 30.11
CA TYR B 256 -3.76 -7.91 29.27
C TYR B 256 -2.49 -7.72 28.44
N LEU B 257 -2.26 -6.48 28.02
CA LEU B 257 -1.08 -6.12 27.24
C LEU B 257 0.18 -6.24 28.09
N HIS B 258 0.07 -5.85 29.35
CA HIS B 258 1.16 -6.04 30.29
C HIS B 258 1.50 -7.51 30.45
N ASP B 259 0.50 -8.37 30.45
CA ASP B 259 0.72 -9.80 30.56
C ASP B 259 1.33 -10.43 29.31
N LEU B 260 0.91 -9.96 28.13
CA LEU B 260 1.53 -10.39 26.86
C LEU B 260 3.00 -10.02 26.80
N ARG B 261 3.33 -8.83 27.29
CA ARG B 261 4.71 -8.36 27.30
C ARG B 261 5.55 -9.30 28.17
N ASP B 262 5.00 -9.66 29.31
CA ASP B 262 5.64 -10.56 30.24
C ASP B 262 5.74 -12.00 29.67
N ILE B 263 4.65 -12.53 29.11
CA ILE B 263 4.67 -13.85 28.43
C ILE B 263 5.69 -13.91 27.29
N CYS B 264 5.63 -12.93 26.38
CA CYS B 264 6.56 -12.85 25.25
C CYS B 264 8.02 -12.78 25.71
N ARG B 265 8.29 -11.96 26.74
CA ARG B 265 9.63 -11.88 27.32
C ARG B 265 10.13 -13.25 27.84
N ARG B 266 9.32 -13.92 28.67
CA ARG B 266 9.76 -15.19 29.29
C ARG B 266 9.87 -16.37 28.31
N TYR B 267 9.11 -16.36 27.22
CA TYR B 267 9.20 -17.48 26.26
C TYR B 267 9.94 -17.14 24.98
N GLU B 268 10.60 -15.98 24.96
CA GLU B 268 11.39 -15.56 23.79
C GLU B 268 10.56 -15.64 22.50
N VAL B 269 9.46 -14.90 22.51
CA VAL B 269 8.59 -14.72 21.35
C VAL B 269 8.46 -13.21 21.17
N LEU B 270 8.57 -12.71 19.94
CA LEU B 270 8.42 -11.26 19.71
C LEU B 270 6.97 -10.80 19.92
N LEU B 271 6.79 -9.56 20.34
CA LEU B 271 5.47 -8.98 20.52
C LEU B 271 5.24 -7.82 19.54
N ILE B 272 4.18 -7.92 18.75
CA ILE B 272 3.86 -6.88 17.77
C ILE B 272 2.53 -6.23 18.11
N PHE B 273 2.55 -4.91 18.31
CA PHE B 273 1.30 -4.15 18.44
C PHE B 273 0.88 -3.50 17.12
N ASP B 274 -0.30 -3.84 16.62
CA ASP B 274 -0.88 -3.15 15.46
C ASP B 274 -1.66 -1.92 15.96
N GLU B 275 -1.08 -0.71 15.83
CA GLU B 275 -1.75 0.55 16.23
C GLU B 275 -2.19 1.37 15.04
N ILE B 276 -2.44 0.70 13.91
CA ILE B 276 -2.99 1.33 12.72
C ILE B 276 -4.32 2.05 12.98
N ALA B 277 -5.23 1.43 13.75
CA ALA B 277 -6.49 2.08 14.18
C ALA B 277 -6.35 2.88 15.46
N THR B 278 -5.58 2.36 16.41
CA THR B 278 -5.54 2.95 17.76
C THR B 278 -4.60 4.17 17.92
N GLY B 279 -3.66 4.35 17.02
CA GLY B 279 -2.61 5.34 17.22
C GLY B 279 -3.05 6.81 17.19
N PHE B 280 -2.13 7.68 17.59
CA PHE B 280 -2.30 9.14 17.53
C PHE B 280 -3.50 9.66 18.28
N GLY B 281 -3.61 9.24 19.55
CA GLY B 281 -4.55 9.81 20.50
C GLY B 281 -5.93 9.19 20.55
N ARG B 282 -6.28 8.40 19.54
CA ARG B 282 -7.66 7.94 19.37
C ARG B 282 -8.33 7.36 20.64
N THR B 283 -7.57 6.63 21.46
CA THR B 283 -8.17 5.88 22.59
C THR B 283 -7.93 6.56 23.96
N GLY B 284 -7.51 7.82 23.95
CA GLY B 284 -7.25 8.56 25.19
C GLY B 284 -5.79 8.60 25.59
N ALA B 285 -4.95 7.89 24.85
CA ALA B 285 -3.51 7.95 25.06
C ALA B 285 -2.84 8.13 23.70
N LEU B 286 -1.61 8.64 23.69
CA LEU B 286 -0.88 8.86 22.42
C LEU B 286 -0.91 7.59 21.56
N PHE B 287 -0.49 6.48 22.16
CA PHE B 287 -0.69 5.18 21.57
C PHE B 287 -1.38 4.32 22.60
N ALA B 288 -2.23 3.43 22.13
CA ALA B 288 -2.99 2.62 23.03
C ALA B 288 -2.06 1.82 23.95
N ALA B 289 -0.84 1.51 23.48
CA ALA B 289 0.17 0.83 24.30
C ALA B 289 0.37 1.56 25.64
N ASP B 290 0.27 2.88 25.57
CA ASP B 290 0.59 3.76 26.68
C ASP B 290 -0.34 3.54 27.87
N HIS B 291 -1.60 3.18 27.61
CA HIS B 291 -2.56 2.84 28.66
C HIS B 291 -2.01 1.80 29.60
N ALA B 292 -1.23 0.85 29.06
CA ALA B 292 -0.67 -0.27 29.84
C ALA B 292 0.77 -0.05 30.26
N GLY B 293 1.44 0.95 29.69
CA GLY B 293 2.84 1.30 30.01
C GLY B 293 3.86 0.27 29.52
N VAL B 294 3.70 -0.20 28.30
CA VAL B 294 4.43 -1.34 27.79
C VAL B 294 4.96 -1.08 26.37
N SER B 295 6.12 -1.64 26.05
CA SER B 295 6.66 -1.50 24.69
C SER B 295 6.64 -2.82 23.91
N PRO B 296 6.07 -2.81 22.69
CA PRO B 296 6.25 -3.96 21.82
C PRO B 296 7.66 -3.97 21.22
N ASP B 297 8.02 -5.04 20.54
CA ASP B 297 9.32 -5.13 19.88
C ASP B 297 9.20 -4.49 18.50
N ILE B 298 7.98 -4.51 17.96
CA ILE B 298 7.65 -4.08 16.62
C ILE B 298 6.26 -3.44 16.69
N MET B 299 6.08 -2.34 15.98
CA MET B 299 4.83 -1.58 16.00
C MET B 299 4.43 -1.08 14.60
N CYS B 300 3.13 -1.14 14.32
CA CYS B 300 2.58 -0.63 13.08
C CYS B 300 1.68 0.57 13.36
N VAL B 301 1.85 1.62 12.54
CA VAL B 301 0.97 2.78 12.53
C VAL B 301 0.54 3.10 11.10
N GLY B 302 -0.61 3.78 10.95
CA GLY B 302 -1.12 4.17 9.63
C GLY B 302 -2.38 5.00 9.83
N LYS B 303 -3.38 4.77 9.00
CA LYS B 303 -4.70 5.44 9.11
C LYS B 303 -4.69 6.96 9.44
N ALA B 304 -4.33 7.31 10.67
CA ALA B 304 -4.39 8.72 11.07
C ALA B 304 -3.03 9.45 10.93
N LEU B 305 -2.03 8.73 10.43
CA LEU B 305 -0.65 9.22 10.39
C LEU B 305 -0.50 10.49 9.56
N THR B 306 -1.23 10.56 8.44
CA THR B 306 -1.16 11.75 7.59
C THR B 306 -2.36 12.66 7.85
N GLY B 307 -3.03 12.43 8.97
CA GLY B 307 -4.28 13.13 9.29
C GLY B 307 -5.28 13.01 8.17
N GLY B 308 -5.26 11.87 7.48
CA GLY B 308 -6.32 11.58 6.51
C GLY B 308 -6.17 12.13 5.10
N TYR B 309 -5.00 12.68 4.81
CA TYR B 309 -4.74 13.29 3.52
C TYR B 309 -4.31 12.27 2.48
N LEU B 310 -3.40 11.38 2.86
CA LEU B 310 -2.73 10.50 1.91
C LEU B 310 -2.38 9.16 2.55
N SER B 311 -2.26 8.13 1.71
CA SER B 311 -1.89 6.80 2.18
CA SER B 311 -1.90 6.82 2.21
C SER B 311 -0.41 6.79 2.61
N LEU B 312 -0.16 6.33 3.82
CA LEU B 312 1.19 6.21 4.36
C LEU B 312 1.08 5.36 5.62
N ALA B 313 2.10 4.56 5.87
CA ALA B 313 2.18 3.73 7.07
C ALA B 313 3.61 3.60 7.50
N ALA B 314 3.81 3.08 8.71
CA ALA B 314 5.15 2.84 9.22
C ALA B 314 5.19 1.61 10.09
N THR B 315 6.30 0.89 10.00
CA THR B 315 6.60 -0.17 10.95
C THR B 315 7.88 0.24 11.68
N LEU B 316 7.81 0.21 13.02
CA LEU B 316 8.95 0.53 13.86
C LEU B 316 9.41 -0.70 14.61
N CYS B 317 10.70 -0.83 14.82
CA CYS B 317 11.21 -1.93 15.66
C CYS B 317 12.39 -1.50 16.51
N THR B 318 12.66 -2.26 17.56
CA THR B 318 13.73 -1.94 18.49
C THR B 318 15.05 -2.03 17.77
N ALA B 319 16.10 -1.47 18.39
CA ALA B 319 17.47 -1.61 17.89
C ALA B 319 17.89 -3.10 17.78
N ASP B 320 17.51 -3.91 18.77
CA ASP B 320 17.89 -5.33 18.78
C ASP B 320 17.36 -6.06 17.53
N VAL B 321 16.07 -5.84 17.24
CA VAL B 321 15.47 -6.43 16.04
C VAL B 321 16.22 -5.93 14.79
N ALA B 322 16.49 -4.64 14.73
CA ALA B 322 17.17 -4.03 13.59
C ALA B 322 18.56 -4.63 13.37
N HIS B 323 19.35 -4.74 14.43
CA HIS B 323 20.72 -5.27 14.33
C HIS B 323 20.76 -6.75 14.03
N THR B 324 19.89 -7.53 14.68
CA THR B 324 19.83 -8.96 14.40
C THR B 324 19.54 -9.24 12.92
N ILE B 325 18.50 -8.58 12.38
CA ILE B 325 18.18 -8.70 10.96
C ILE B 325 19.40 -8.33 10.12
N SER B 326 20.04 -7.20 10.44
CA SER B 326 21.19 -6.69 9.68
C SER B 326 22.47 -7.51 9.76
N ALA B 327 22.65 -8.24 10.88
CA ALA B 327 23.81 -9.13 11.08
C ALA B 327 23.55 -10.56 10.63
N GLY B 328 22.35 -10.82 10.12
CA GLY B 328 21.95 -12.17 9.74
C GLY B 328 22.40 -12.52 8.34
N ALA B 329 22.10 -13.77 7.96
CA ALA B 329 22.52 -14.31 6.67
C ALA B 329 22.21 -13.38 5.49
N ALA B 330 20.97 -12.89 5.47
CA ALA B 330 20.50 -12.03 4.39
C ALA B 330 21.13 -10.62 4.41
N GLY B 331 21.59 -10.18 5.59
CA GLY B 331 22.24 -8.86 5.72
C GLY B 331 21.38 -7.62 5.54
N ALA B 332 20.06 -7.81 5.38
CA ALA B 332 19.16 -6.70 5.03
C ALA B 332 17.69 -7.11 5.16
N LEU B 333 16.83 -6.16 5.46
CA LEU B 333 15.40 -6.43 5.46
C LEU B 333 14.94 -6.47 4.00
N MET B 334 14.38 -7.60 3.61
CA MET B 334 14.07 -7.85 2.19
C MET B 334 12.72 -7.24 1.78
N HIS B 335 12.65 -5.91 1.72
CA HIS B 335 11.42 -5.20 1.41
C HIS B 335 11.77 -3.79 0.99
N GLY B 336 10.93 -3.21 0.15
CA GLY B 336 11.15 -1.88 -0.38
C GLY B 336 10.06 -1.42 -1.32
N PRO B 337 9.01 -0.79 -0.78
CA PRO B 337 7.95 -0.26 -1.66
C PRO B 337 8.48 0.90 -2.53
N THR B 338 8.05 0.92 -3.79
CA THR B 338 8.38 1.96 -4.72
C THR B 338 8.30 3.37 -4.08
N PHE B 339 7.21 3.64 -3.39
CA PHE B 339 6.99 5.00 -2.88
C PHE B 339 7.42 5.19 -1.45
N MET B 340 8.27 4.28 -0.97
CA MET B 340 8.77 4.33 0.39
C MET B 340 9.19 5.75 0.78
N ALA B 341 8.68 6.20 1.92
CA ALA B 341 9.01 7.52 2.51
C ALA B 341 8.67 8.71 1.61
N ASN B 342 7.65 8.57 0.78
CA ASN B 342 7.20 9.68 -0.05
C ASN B 342 7.24 11.03 0.70
N PRO B 343 7.97 12.01 0.15
CA PRO B 343 8.08 13.37 0.74
C PRO B 343 6.77 14.11 0.97
N LEU B 344 5.83 14.06 0.02
CA LEU B 344 4.50 14.67 0.24
C LEU B 344 3.75 14.06 1.44
N ALA B 345 3.63 12.73 1.50
CA ALA B 345 2.96 12.09 2.63
C ALA B 345 3.68 12.36 3.96
N CYS B 346 5.01 12.28 3.92
CA CYS B 346 5.81 12.50 5.10
C CYS B 346 5.72 13.94 5.60
N ALA B 347 5.63 14.90 4.65
CA ALA B 347 5.60 16.31 5.01
C ALA B 347 4.29 16.63 5.70
N VAL B 348 3.19 16.13 5.13
CA VAL B 348 1.87 16.35 5.73
C VAL B 348 1.69 15.58 7.07
N SER B 349 2.37 14.44 7.23
CA SER B 349 2.33 13.70 8.48
CA SER B 349 2.33 13.70 8.48
C SER B 349 3.08 14.42 9.58
N VAL B 350 4.23 15.00 9.25
CA VAL B 350 4.99 15.77 10.23
C VAL B 350 4.09 16.86 10.76
N ALA B 351 3.39 17.56 9.86
CA ALA B 351 2.50 18.65 10.26
C ALA B 351 1.31 18.13 11.09
N SER B 352 0.75 16.98 10.67
CA SER B 352 -0.34 16.36 11.38
C SER B 352 0.03 15.98 12.82
N VAL B 353 1.24 15.42 12.97
CA VAL B 353 1.71 14.96 14.29
C VAL B 353 2.05 16.15 15.18
N GLU B 354 2.87 17.09 14.68
CA GLU B 354 3.18 18.33 15.39
C GLU B 354 1.92 19.11 15.80
N LEU B 355 0.92 19.16 14.92
CA LEU B 355 -0.35 19.80 15.25
C LEU B 355 -1.02 19.13 16.46
N LEU B 356 -1.01 17.79 16.47
CA LEU B 356 -1.53 17.01 17.56
C LEU B 356 -0.75 17.27 18.86
N LEU B 357 0.58 17.18 18.79
CA LEU B 357 1.47 17.44 19.94
C LEU B 357 1.52 18.89 20.44
N GLY B 358 1.25 19.84 19.54
CA GLY B 358 1.25 21.26 19.88
C GLY B 358 -0.01 21.77 20.58
N GLN B 359 -0.98 20.89 20.82
CA GLN B 359 -2.19 21.23 21.57
C GLN B 359 -2.33 20.31 22.79
N ASP B 360 -3.28 20.60 23.67
CA ASP B 360 -3.62 19.72 24.79
C ASP B 360 -4.56 18.62 24.30
N TRP B 361 -4.00 17.65 23.57
CA TRP B 361 -4.80 16.58 22.96
C TRP B 361 -5.46 15.69 23.97
N ARG B 362 -4.83 15.49 25.13
CA ARG B 362 -5.40 14.60 26.17
CA ARG B 362 -5.40 14.59 26.14
C ARG B 362 -6.72 15.14 26.71
N THR B 363 -6.77 16.44 26.98
CA THR B 363 -8.04 17.04 27.39
C THR B 363 -9.06 16.92 26.29
N ARG B 364 -8.67 17.26 25.06
CA ARG B 364 -9.59 17.22 23.93
C ARG B 364 -10.28 15.84 23.82
N ILE B 365 -9.51 14.77 23.96
CA ILE B 365 -10.08 13.41 23.88
C ILE B 365 -10.99 13.10 25.10
N THR B 366 -10.56 13.54 26.27
CA THR B 366 -11.37 13.36 27.49
C THR B 366 -12.74 13.99 27.27
N GLU B 367 -12.76 15.23 26.76
CA GLU B 367 -14.04 15.93 26.51
C GLU B 367 -14.92 15.21 25.49
N LEU B 368 -14.36 14.90 24.32
CA LEU B 368 -15.02 14.03 23.32
C LEU B 368 -15.62 12.76 23.92
N ALA B 369 -14.86 12.08 24.79
CA ALA B 369 -15.32 10.83 25.42
C ALA B 369 -16.55 11.06 26.31
N ALA B 370 -16.49 12.15 27.09
CA ALA B 370 -17.60 12.58 27.95
C ALA B 370 -18.80 12.88 27.09
N GLY B 371 -18.58 13.66 26.03
CA GLY B 371 -19.62 13.95 25.03
C GLY B 371 -20.24 12.69 24.44
N LEU B 372 -19.40 11.71 24.13
CA LEU B 372 -19.89 10.45 23.57
C LEU B 372 -20.64 9.62 24.62
N THR B 373 -20.11 9.59 25.85
CA THR B 373 -20.80 8.89 26.96
C THR B 373 -22.20 9.51 27.20
N ALA B 374 -22.22 10.82 27.43
CA ALA B 374 -23.45 11.52 27.77
C ALA B 374 -24.52 11.34 26.69
N GLY B 375 -24.15 11.57 25.42
CA GLY B 375 -25.09 11.47 24.30
C GLY B 375 -25.62 10.07 24.00
N LEU B 376 -24.83 9.06 24.30
CA LEU B 376 -25.21 7.68 23.95
C LEU B 376 -25.87 6.92 25.09
N ASP B 377 -25.91 7.54 26.27
CA ASP B 377 -26.51 6.92 27.45
C ASP B 377 -27.95 6.43 27.27
N THR B 378 -28.79 7.21 26.58
CA THR B 378 -30.20 6.83 26.47
C THR B 378 -30.38 5.58 25.64
N ALA B 379 -29.37 5.21 24.86
CA ALA B 379 -29.47 4.06 23.98
C ALA B 379 -29.45 2.74 24.73
N ARG B 380 -28.94 2.73 25.96
CA ARG B 380 -28.87 1.51 26.78
C ARG B 380 -30.25 0.87 26.91
N ALA B 381 -31.27 1.72 27.09
CA ALA B 381 -32.67 1.29 27.31
C ALA B 381 -33.31 0.67 26.08
N LEU B 382 -32.83 1.04 24.89
CA LEU B 382 -33.44 0.59 23.64
C LEU B 382 -33.54 -0.94 23.55
N PRO B 383 -34.65 -1.45 22.99
CA PRO B 383 -34.93 -2.90 22.97
C PRO B 383 -33.93 -3.73 22.16
N ALA B 384 -33.26 -3.10 21.19
CA ALA B 384 -32.35 -3.85 20.31
C ALA B 384 -30.89 -3.73 20.74
N VAL B 385 -30.65 -2.96 21.80
CA VAL B 385 -29.29 -2.64 22.25
C VAL B 385 -28.80 -3.59 23.35
N THR B 386 -27.63 -4.20 23.12
CA THR B 386 -26.99 -5.10 24.08
C THR B 386 -25.88 -4.40 24.83
N ASP B 387 -25.28 -3.39 24.20
CA ASP B 387 -24.19 -2.67 24.84
C ASP B 387 -23.94 -1.26 24.31
N VAL B 388 -23.50 -0.40 25.21
CA VAL B 388 -23.01 0.93 24.90
C VAL B 388 -21.72 1.05 25.67
N ARG B 389 -20.67 1.49 24.97
CA ARG B 389 -19.34 1.57 25.51
C ARG B 389 -18.59 2.66 24.75
N VAL B 390 -17.64 3.28 25.45
CA VAL B 390 -16.91 4.40 24.95
C VAL B 390 -15.46 4.25 25.42
N CYS B 391 -14.52 4.60 24.55
CA CYS B 391 -13.09 4.61 24.83
C CYS B 391 -12.49 5.76 24.01
N GLY B 392 -11.95 6.77 24.69
CA GLY B 392 -11.49 8.00 24.04
C GLY B 392 -12.49 8.48 23.01
N ALA B 393 -12.01 8.91 21.85
CA ALA B 393 -12.90 9.36 20.78
C ALA B 393 -13.49 8.21 19.97
N ILE B 394 -14.02 7.21 20.68
CA ILE B 394 -14.70 6.05 20.08
C ILE B 394 -15.98 5.74 20.85
N GLY B 395 -17.10 5.72 20.14
CA GLY B 395 -18.41 5.50 20.75
C GLY B 395 -19.09 4.38 19.99
N VAL B 396 -19.54 3.37 20.73
CA VAL B 396 -20.13 2.17 20.14
C VAL B 396 -21.50 1.84 20.75
N ILE B 397 -22.48 1.68 19.87
CA ILE B 397 -23.75 1.07 20.21
C ILE B 397 -23.81 -0.32 19.56
N GLU B 398 -23.80 -1.36 20.39
CA GLU B 398 -23.91 -2.73 19.91
C GLU B 398 -25.35 -3.23 19.94
N CYS B 399 -25.81 -3.75 18.81
CA CYS B 399 -27.18 -4.24 18.67
C CYS B 399 -27.25 -5.77 18.66
N ASP B 400 -28.46 -6.30 18.75
CA ASP B 400 -28.71 -7.75 18.78
C ASP B 400 -28.94 -8.33 17.39
N ARG B 401 -28.77 -7.51 16.36
CA ARG B 401 -28.95 -7.96 14.98
C ARG B 401 -28.18 -7.08 13.98
N PRO B 402 -27.97 -7.59 12.75
CA PRO B 402 -27.40 -6.79 11.66
C PRO B 402 -28.19 -5.49 11.45
N VAL B 403 -27.48 -4.36 11.36
CA VAL B 403 -28.12 -3.06 11.09
C VAL B 403 -28.26 -2.94 9.57
N ASP B 404 -29.49 -2.78 9.11
CA ASP B 404 -29.77 -2.61 7.69
C ASP B 404 -29.38 -1.20 7.27
N LEU B 405 -28.41 -1.11 6.36
CA LEU B 405 -27.87 0.19 5.90
C LEU B 405 -28.88 0.99 5.08
N ALA B 406 -29.66 0.30 4.24
CA ALA B 406 -30.69 0.93 3.40
C ALA B 406 -31.67 1.73 4.25
N VAL B 407 -31.78 1.35 5.52
CA VAL B 407 -32.58 2.10 6.49
C VAL B 407 -31.72 3.15 7.19
N ALA B 408 -30.60 2.73 7.78
CA ALA B 408 -29.80 3.61 8.64
C ALA B 408 -29.08 4.74 7.93
N THR B 409 -28.58 4.48 6.72
CA THR B 409 -27.85 5.50 5.96
C THR B 409 -28.71 6.76 5.69
N PRO B 410 -29.84 6.61 4.97
CA PRO B 410 -30.71 7.79 4.81
C PRO B 410 -31.17 8.37 6.16
N ALA B 411 -31.36 7.51 7.16
CA ALA B 411 -31.76 7.97 8.50
C ALA B 411 -30.76 8.94 9.18
N ALA B 412 -29.46 8.73 8.94
CA ALA B 412 -28.46 9.59 9.55
C ALA B 412 -28.22 10.83 8.72
N LEU B 413 -28.32 10.66 7.40
CA LEU B 413 -28.26 11.79 6.47
C LEU B 413 -29.35 12.82 6.78
N ASP B 414 -30.59 12.36 6.89
CA ASP B 414 -31.71 13.20 7.36
C ASP B 414 -31.33 14.09 8.55
N ARG B 415 -30.42 13.63 9.41
CA ARG B 415 -30.06 14.38 10.62
C ARG B 415 -28.73 15.10 10.50
N GLY B 416 -28.20 15.15 9.27
CA GLY B 416 -26.95 15.85 8.98
C GLY B 416 -25.73 15.10 9.51
N VAL B 417 -25.79 13.77 9.49
CA VAL B 417 -24.66 12.95 9.92
C VAL B 417 -24.30 11.84 8.94
N TRP B 418 -23.01 11.77 8.57
CA TRP B 418 -22.54 10.62 7.82
C TRP B 418 -22.19 9.55 8.81
N LEU B 419 -22.98 8.48 8.80
CA LEU B 419 -22.76 7.32 9.66
C LEU B 419 -22.78 6.09 8.82
N ARG B 420 -21.87 5.17 9.11
CA ARG B 420 -21.82 3.91 8.40
C ARG B 420 -21.73 2.74 9.39
N PRO B 421 -22.90 2.23 9.80
CA PRO B 421 -22.94 1.03 10.63
C PRO B 421 -22.28 -0.12 9.88
N PHE B 422 -21.80 -1.09 10.64
CA PHE B 422 -21.17 -2.25 10.02
C PHE B 422 -21.46 -3.45 10.91
N ARG B 423 -21.98 -4.51 10.28
CA ARG B 423 -22.50 -5.66 11.00
C ARG B 423 -23.61 -5.19 11.98
N ASN B 424 -23.46 -5.47 13.26
CA ASN B 424 -24.48 -5.15 14.27
C ASN B 424 -24.16 -3.88 15.09
N LEU B 425 -23.24 -3.07 14.59
CA LEU B 425 -22.69 -1.97 15.37
C LEU B 425 -23.09 -0.65 14.74
N VAL B 426 -23.49 0.28 15.60
CA VAL B 426 -23.70 1.67 15.21
C VAL B 426 -22.67 2.43 16.03
N TYR B 427 -21.70 3.04 15.34
CA TYR B 427 -20.50 3.50 16.04
C TYR B 427 -19.92 4.74 15.39
N ALA B 428 -19.07 5.46 16.14
CA ALA B 428 -18.37 6.64 15.61
C ALA B 428 -16.91 6.78 16.05
N MET B 429 -16.13 7.40 15.17
CA MET B 429 -14.77 7.82 15.46
CA MET B 429 -14.77 7.80 15.45
C MET B 429 -14.67 9.25 14.96
N PRO B 430 -15.29 10.18 15.71
CA PRO B 430 -15.38 11.57 15.22
C PRO B 430 -14.04 12.30 15.20
N PRO B 431 -13.85 13.21 14.22
CA PRO B 431 -12.68 14.07 14.19
C PRO B 431 -12.46 14.75 15.54
N TYR B 432 -11.21 14.96 15.92
CA TYR B 432 -10.90 15.60 17.19
C TYR B 432 -11.41 17.06 17.32
N ILE B 433 -11.71 17.69 16.18
CA ILE B 433 -12.09 19.12 16.15
C ILE B 433 -13.58 19.33 16.33
N CYS B 434 -14.31 18.23 16.55
CA CYS B 434 -15.74 18.30 16.76
C CYS B 434 -16.07 19.02 18.07
N THR B 435 -17.01 19.95 18.00
CA THR B 435 -17.48 20.72 19.15
C THR B 435 -18.59 19.95 19.88
N PRO B 436 -18.86 20.29 21.16
CA PRO B 436 -19.93 19.63 21.93
C PRO B 436 -21.25 19.52 21.16
N ALA B 437 -21.61 20.56 20.43
CA ALA B 437 -22.84 20.57 19.64
C ALA B 437 -22.74 19.55 18.51
N GLU B 438 -21.57 19.45 17.86
CA GLU B 438 -21.41 18.43 16.81
C GLU B 438 -21.53 16.99 17.36
N ILE B 439 -20.96 16.75 18.54
CA ILE B 439 -21.04 15.41 19.17
C ILE B 439 -22.47 14.99 19.52
N THR B 440 -23.16 15.91 20.20
CA THR B 440 -24.61 15.88 20.40
C THR B 440 -25.34 15.48 19.11
N GLN B 441 -25.04 16.19 18.03
CA GLN B 441 -25.67 15.89 16.75
C GLN B 441 -25.34 14.47 16.30
N ILE B 442 -24.08 14.05 16.49
CA ILE B 442 -23.64 12.70 16.12
C ILE B 442 -24.32 11.61 16.98
N THR B 443 -24.24 11.77 18.29
CA THR B 443 -24.84 10.80 19.23
C THR B 443 -26.34 10.64 19.01
N SER B 444 -27.03 11.75 18.77
CA SER B 444 -28.48 11.74 18.52
CA SER B 444 -28.48 11.72 18.54
C SER B 444 -28.81 10.94 17.27
N ALA B 445 -28.08 11.20 16.18
CA ALA B 445 -28.23 10.38 14.98
C ALA B 445 -27.99 8.89 15.28
N MET B 446 -26.98 8.60 16.09
CA MET B 446 -26.65 7.22 16.40
C MET B 446 -27.78 6.58 17.19
N VAL B 447 -28.18 7.23 18.30
CA VAL B 447 -29.32 6.75 19.11
C VAL B 447 -30.53 6.42 18.23
N GLU B 448 -30.85 7.30 17.28
CA GLU B 448 -32.00 7.08 16.38
C GLU B 448 -31.86 5.93 15.40
N VAL B 449 -30.64 5.67 14.97
CA VAL B 449 -30.39 4.50 14.11
C VAL B 449 -30.67 3.22 14.91
N ALA B 450 -30.30 3.23 16.20
CA ALA B 450 -30.48 2.09 17.08
C ALA B 450 -31.98 1.85 17.33
N ARG B 451 -32.72 2.95 17.47
CA ARG B 451 -34.16 2.88 17.68
C ARG B 451 -34.87 2.23 16.48
N LEU B 452 -34.50 2.64 15.27
CA LEU B 452 -35.11 2.10 14.06
C LEU B 452 -34.74 0.64 13.80
N VAL B 453 -33.71 0.16 14.48
CA VAL B 453 -33.30 -1.23 14.32
C VAL B 453 -34.27 -2.11 15.11
N GLY B 454 -34.64 -1.63 16.29
CA GLY B 454 -35.64 -2.28 17.13
C GLY B 454 -37.07 -2.28 16.61
N SER B 455 -37.28 -1.61 15.46
CA SER B 455 -38.60 -1.48 14.85
CA SER B 455 -38.61 -1.48 14.85
C SER B 455 -38.53 -1.64 13.33
#